data_8V4H
#
_entry.id   8V4H
#
_cell.length_a   54.760
_cell.length_b   101.593
_cell.length_c   133.304
_cell.angle_alpha   90.00
_cell.angle_beta   90.00
_cell.angle_gamma   90.00
#
_symmetry.space_group_name_H-M   'P 21 21 21'
#
loop_
_entity.id
_entity.type
_entity.pdbx_description
1 polymer 'Putative nucleotide sugar dehydratase'
2 non-polymer '[[(2~{R},3~{S},4~{R},5~{R})-5-(4-azanyl-2-oxidanylidene-pyrimidin-1-yl)-3,4-bis(oxidanyl)oxolan-2-yl]methoxy-oxidanyl-phosphoryl] [(2~{R},3~{R},4~{R},5~{S})-2,3,4,5,6-pentakis(oxidanyl)hexyl] hydrogen phosphate'
3 non-polymer 'CHLORIDE ION'
4 non-polymer 'PHOSPHATE ION'
5 non-polymer 'SODIUM ION'
6 water water
#
_entity_poly.entity_id   1
_entity_poly.type   'polypeptide(L)'
_entity_poly.pdbx_seq_one_letter_code
;MGSSHHHHHHSSGENLYFQGHMNEILKKRLKLLKNNFGTHINKIANKKILITGANGYIGSILTLILHGNAKLYCLVRNKD
KMIDRFQEICGDIDKIDIYEDLYKIQDKIDIVIHCAAPTQSDFFIENPIDTVDIIYTNTKNILDFSKKNNVEKIIFLSTM
EIYGDVIGDNIVEDDIGKFSVTNIRNSYPLAKQISEFMVHSYSKKYSLSTAIVRLTQAIGPTAQINDNRVYMDFIRSAIK
KSQITLFTKGETKREYIDVFDVATAIIFVMCEKKMFEIYNISNPNIFISIYDLAKTISAKLNVQVVFDLQRDTSQYLPSF
SRRLNSKKIYQLGWTPLFDLNQSLDDMIKYIKEVNE
;
_entity_poly.pdbx_strand_id   A,B
#
loop_
_chem_comp.id
_chem_comp.type
_chem_comp.name
_chem_comp.formula
CL non-polymer 'CHLORIDE ION' 'Cl -1'
NA non-polymer 'SODIUM ION' 'Na 1'
PO4 non-polymer 'PHOSPHATE ION' 'O4 P -3'
YCX non-polymer '[[(2~{R},3~{S},4~{R},5~{R})-5-(4-azanyl-2-oxidanylidene-pyrimidin-1-yl)-3,4-bis(oxidanyl)oxolan-2-yl]methoxy-oxidanyl-phosphoryl] [(2~{R},3~{R},4~{R},5~{S})-2,3,4,5,6-pentakis(oxidanyl)hexyl] hydrogen phosphate' 'C15 H27 N3 O16 P2'
#
# COMPACT_ATOMS: atom_id res chain seq x y z
N MET A 22 21.44 31.74 -18.28
CA MET A 22 21.22 31.01 -17.00
C MET A 22 20.49 31.93 -16.03
N ASN A 23 21.16 33.01 -15.62
CA ASN A 23 20.58 34.09 -14.85
C ASN A 23 19.54 34.78 -15.73
N GLU A 24 19.83 34.82 -17.04
CA GLU A 24 18.92 35.36 -18.05
C GLU A 24 17.58 34.64 -17.95
N ILE A 25 17.63 33.32 -18.17
CA ILE A 25 16.44 32.50 -18.38
C ILE A 25 15.56 32.61 -17.14
N LEU A 26 16.19 32.36 -15.98
CA LEU A 26 15.54 32.25 -14.69
C LEU A 26 14.89 33.58 -14.28
N LYS A 27 15.66 34.68 -14.41
CA LYS A 27 15.19 36.00 -14.04
C LYS A 27 13.95 36.38 -14.86
N LYS A 28 14.00 36.14 -16.18
CA LYS A 28 12.82 36.37 -17.02
C LYS A 28 11.60 35.72 -16.37
N ARG A 29 11.70 34.40 -16.17
CA ARG A 29 10.60 33.60 -15.68
C ARG A 29 10.11 34.16 -14.35
N LEU A 30 11.03 34.38 -13.41
CA LEU A 30 10.65 34.87 -12.10
C LEU A 30 9.83 36.15 -12.24
N LYS A 31 10.25 37.04 -13.15
CA LYS A 31 9.51 38.26 -13.38
C LYS A 31 8.19 37.97 -14.10
N LEU A 32 8.18 36.99 -15.02
CA LEU A 32 6.94 36.57 -15.64
C LEU A 32 5.96 36.13 -14.55
N LEU A 33 6.38 35.18 -13.71
CA LEU A 33 5.52 34.67 -12.66
C LEU A 33 4.96 35.84 -11.84
N LYS A 34 5.86 36.68 -11.32
CA LYS A 34 5.46 37.81 -10.49
C LYS A 34 4.62 38.83 -11.28
N ASN A 35 4.80 38.94 -12.61
CA ASN A 35 3.89 39.77 -13.39
C ASN A 35 2.47 39.19 -13.32
N ASN A 36 2.28 37.95 -13.75
CA ASN A 36 0.96 37.38 -13.92
C ASN A 36 0.26 37.14 -12.58
N PHE A 37 0.98 36.62 -11.57
CA PHE A 37 0.35 35.95 -10.43
C PHE A 37 0.79 36.54 -9.09
N GLY A 38 1.59 37.61 -9.11
CA GLY A 38 2.18 38.20 -7.90
C GLY A 38 1.14 38.49 -6.83
N THR A 39 -0.11 38.74 -7.27
CA THR A 39 -1.30 38.76 -6.43
C THR A 39 -1.35 37.55 -5.50
N HIS A 40 -1.34 36.34 -6.10
CA HIS A 40 -1.48 35.10 -5.35
C HIS A 40 -0.22 34.82 -4.52
N ILE A 41 0.97 35.02 -5.11
CA ILE A 41 2.23 34.72 -4.45
C ILE A 41 2.33 35.47 -3.13
N ASN A 42 1.60 36.59 -3.00
CA ASN A 42 1.66 37.42 -1.80
C ASN A 42 0.46 37.16 -0.88
N LYS A 43 -0.26 36.06 -1.10
CA LYS A 43 -1.12 35.48 -0.08
C LYS A 43 -0.33 34.53 0.82
N ILE A 44 0.97 34.36 0.54
CA ILE A 44 1.83 33.51 1.34
C ILE A 44 3.08 34.28 1.74
N ALA A 45 3.02 35.61 1.62
CA ALA A 45 4.03 36.45 2.23
C ALA A 45 4.09 36.09 3.72
N ASN A 46 5.31 35.85 4.19
CA ASN A 46 5.61 35.65 5.60
C ASN A 46 4.94 34.40 6.17
N LYS A 47 4.44 33.50 5.31
CA LYS A 47 3.98 32.19 5.78
C LYS A 47 5.18 31.26 5.94
N LYS A 48 5.13 30.45 7.00
CA LYS A 48 6.24 29.59 7.34
C LYS A 48 6.06 28.32 6.51
N ILE A 49 6.98 28.05 5.56
CA ILE A 49 6.76 27.06 4.52
C ILE A 49 7.91 26.08 4.48
N LEU A 50 7.57 24.80 4.70
CA LEU A 50 8.55 23.73 4.64
C LEU A 50 8.38 22.97 3.33
N ILE A 51 9.50 22.78 2.63
CA ILE A 51 9.53 22.03 1.39
C ILE A 51 10.41 20.82 1.62
N THR A 52 9.84 19.62 1.42
CA THR A 52 10.64 18.38 1.43
C THR A 52 11.17 18.11 0.03
N GLY A 53 12.26 17.34 -0.06
CA GLY A 53 12.98 17.22 -1.31
C GLY A 53 13.28 18.59 -1.92
N ALA A 54 13.75 19.54 -1.10
CA ALA A 54 13.92 20.91 -1.56
C ALA A 54 15.05 21.00 -2.57
N ASN A 55 15.85 19.93 -2.69
CA ASN A 55 17.04 19.89 -3.54
C ASN A 55 16.70 19.36 -4.93
N GLY A 56 15.56 18.65 -5.05
CA GLY A 56 15.15 18.07 -6.32
C GLY A 56 14.52 19.09 -7.26
N TYR A 57 14.23 18.61 -8.47
CA TYR A 57 13.81 19.41 -9.60
C TYR A 57 12.75 20.41 -9.20
N ILE A 58 11.60 19.91 -8.71
CA ILE A 58 10.49 20.77 -8.39
C ILE A 58 10.74 21.51 -7.07
N GLY A 59 11.26 20.78 -6.09
CA GLY A 59 11.58 21.33 -4.78
C GLY A 59 12.34 22.66 -4.87
N SER A 60 13.43 22.66 -5.65
CA SER A 60 14.28 23.82 -5.85
C SER A 60 13.49 25.01 -6.38
N ILE A 61 12.68 24.78 -7.41
CA ILE A 61 12.10 25.88 -8.14
C ILE A 61 11.01 26.53 -7.27
N LEU A 62 10.26 25.71 -6.54
CA LEU A 62 9.39 26.22 -5.48
C LEU A 62 10.17 27.06 -4.49
N THR A 63 11.32 26.52 -4.06
CA THR A 63 12.17 27.22 -3.11
C THR A 63 12.60 28.54 -3.77
N LEU A 64 12.97 28.47 -5.06
CA LEU A 64 13.48 29.64 -5.73
C LEU A 64 12.39 30.70 -5.79
N ILE A 65 11.20 30.29 -6.24
CA ILE A 65 10.13 31.24 -6.50
C ILE A 65 9.67 31.93 -5.22
N LEU A 66 9.79 31.25 -4.05
CA LEU A 66 9.03 31.65 -2.86
C LEU A 66 9.88 32.27 -1.75
N HIS A 67 11.21 32.06 -1.75
CA HIS A 67 12.04 32.34 -0.60
C HIS A 67 12.22 33.84 -0.31
N GLY A 68 12.06 34.69 -1.31
CA GLY A 68 12.02 36.13 -1.07
C GLY A 68 10.74 36.56 -0.36
N ASN A 69 9.63 35.89 -0.71
CA ASN A 69 8.28 36.31 -0.35
C ASN A 69 7.72 35.45 0.78
N ALA A 70 8.58 34.81 1.57
CA ALA A 70 8.14 33.91 2.63
C ALA A 70 9.34 33.30 3.35
N LYS A 71 9.09 32.82 4.57
CA LYS A 71 10.09 32.12 5.37
C LYS A 71 10.08 30.67 4.91
N LEU A 72 11.22 30.20 4.42
CA LEU A 72 11.32 28.88 3.82
C LEU A 72 12.25 27.98 4.59
N TYR A 73 11.70 26.81 4.95
CA TYR A 73 12.44 25.71 5.54
C TYR A 73 12.57 24.62 4.48
N CYS A 74 13.81 24.15 4.27
CA CYS A 74 14.11 23.26 3.17
C CYS A 74 14.75 21.98 3.69
N LEU A 75 13.97 20.88 3.65
CA LEU A 75 14.40 19.59 4.18
C LEU A 75 14.96 18.76 3.02
N VAL A 76 16.21 18.34 3.17
CA VAL A 76 16.98 17.78 2.09
C VAL A 76 17.85 16.68 2.67
N ARG A 77 18.43 15.89 1.76
CA ARG A 77 19.15 14.70 2.17
C ARG A 77 20.54 15.13 2.57
N ASN A 78 21.05 16.16 1.89
CA ASN A 78 22.41 16.66 2.02
C ASN A 78 22.43 18.19 1.85
N LYS A 79 22.72 18.88 2.96
CA LYS A 79 22.65 20.34 3.02
C LYS A 79 23.64 20.98 2.06
N ASP A 80 24.85 20.41 1.98
CA ASP A 80 25.94 21.03 1.21
C ASP A 80 25.57 21.15 -0.25
N LYS A 81 24.97 20.09 -0.82
CA LYS A 81 24.69 20.11 -2.25
C LYS A 81 23.38 20.86 -2.51
N MET A 82 22.56 21.02 -1.47
CA MET A 82 21.41 21.91 -1.56
C MET A 82 21.90 23.36 -1.63
N ILE A 83 23.05 23.64 -0.99
CA ILE A 83 23.71 24.92 -1.11
C ILE A 83 24.31 25.08 -2.51
N ASP A 84 25.00 24.06 -3.04
CA ASP A 84 25.57 24.19 -4.38
C ASP A 84 24.46 24.49 -5.37
N ARG A 85 23.43 23.65 -5.29
CA ARG A 85 22.34 23.65 -6.25
C ARG A 85 21.62 25.00 -6.15
N PHE A 86 21.44 25.53 -4.94
CA PHE A 86 20.56 26.69 -4.78
C PHE A 86 21.19 27.96 -5.38
N GLN A 87 22.53 28.04 -5.37
CA GLN A 87 23.18 29.23 -5.89
C GLN A 87 23.57 29.01 -7.36
N GLU A 88 23.57 27.77 -7.84
CA GLU A 88 23.54 27.53 -9.28
C GLU A 88 22.27 28.11 -9.91
N ILE A 89 21.14 28.08 -9.18
CA ILE A 89 19.87 28.62 -9.68
C ILE A 89 19.60 29.99 -9.05
N CYS A 90 20.67 30.72 -8.67
CA CYS A 90 20.64 32.15 -8.37
C CYS A 90 19.84 32.46 -7.11
N GLY A 91 19.90 31.57 -6.12
CA GLY A 91 19.20 31.77 -4.87
C GLY A 91 20.06 32.43 -3.80
N ASP A 92 19.37 32.87 -2.74
CA ASP A 92 19.95 33.55 -1.61
C ASP A 92 20.01 32.53 -0.48
N ILE A 93 21.12 31.80 -0.40
CA ILE A 93 21.42 30.85 0.67
C ILE A 93 20.87 31.32 2.02
N ASP A 94 21.00 32.62 2.32
CA ASP A 94 20.71 33.15 3.65
C ASP A 94 19.22 33.38 3.89
N LYS A 95 18.39 33.37 2.83
CA LYS A 95 16.96 33.52 3.01
C LYS A 95 16.27 32.16 3.10
N ILE A 96 17.01 31.06 3.32
CA ILE A 96 16.41 29.76 3.61
C ILE A 96 17.16 29.06 4.74
N ASP A 97 16.40 28.29 5.53
CA ASP A 97 16.93 27.44 6.59
C ASP A 97 16.87 25.98 6.13
N ILE A 98 18.06 25.40 5.95
CA ILE A 98 18.19 24.06 5.41
C ILE A 98 18.34 23.07 6.56
N TYR A 99 17.44 22.10 6.66
CA TYR A 99 17.60 21.04 7.64
C TYR A 99 17.91 19.75 6.89
N GLU A 100 18.64 18.85 7.54
CA GLU A 100 18.82 17.49 7.07
C GLU A 100 18.01 16.50 7.91
N ASP A 101 17.45 16.96 9.04
CA ASP A 101 16.76 16.10 9.99
C ASP A 101 15.43 16.77 10.36
N LEU A 102 14.33 16.10 10.01
CA LEU A 102 12.99 16.62 10.22
C LEU A 102 12.77 17.03 11.68
N TYR A 103 13.43 16.37 12.62
CA TYR A 103 13.12 16.56 14.04
C TYR A 103 13.93 17.70 14.65
N LYS A 104 14.79 18.36 13.86
CA LYS A 104 15.48 19.55 14.31
C LYS A 104 14.67 20.80 13.96
N ILE A 105 13.60 20.64 13.19
CA ILE A 105 12.77 21.77 12.80
C ILE A 105 11.84 22.08 13.96
N GLN A 106 12.12 23.17 14.68
CA GLN A 106 11.34 23.44 15.87
C GLN A 106 10.30 24.54 15.60
N ASP A 107 10.62 25.45 14.68
CA ASP A 107 9.69 26.52 14.31
C ASP A 107 8.36 25.92 13.84
N LYS A 108 7.30 26.72 13.96
CA LYS A 108 5.97 26.29 13.54
C LYS A 108 5.82 26.49 12.03
N ILE A 109 5.46 25.41 11.33
CA ILE A 109 5.24 25.46 9.90
C ILE A 109 3.75 25.66 9.68
N ASP A 110 3.39 26.58 8.79
CA ASP A 110 2.00 26.78 8.40
C ASP A 110 1.66 25.87 7.21
N ILE A 111 2.57 25.77 6.23
CA ILE A 111 2.33 25.03 4.99
C ILE A 111 3.48 24.05 4.75
N VAL A 112 3.14 22.78 4.50
CA VAL A 112 4.13 21.79 4.10
C VAL A 112 3.89 21.44 2.63
N ILE A 113 5.00 21.38 1.87
CA ILE A 113 4.95 20.91 0.49
C ILE A 113 5.87 19.70 0.41
N HIS A 114 5.25 18.50 0.37
CA HIS A 114 5.98 17.25 0.40
C HIS A 114 6.36 16.80 -1.01
N CYS A 115 7.62 17.04 -1.43
CA CYS A 115 8.06 16.82 -2.80
C CYS A 115 9.10 15.71 -2.88
N ALA A 116 9.50 15.15 -1.73
CA ALA A 116 10.57 14.17 -1.75
C ALA A 116 10.06 12.82 -2.25
N ALA A 117 10.87 12.21 -3.12
CA ALA A 117 10.64 10.84 -3.57
C ALA A 117 11.71 10.44 -4.57
N PRO A 118 12.03 9.14 -4.71
CA PRO A 118 12.82 8.67 -5.85
C PRO A 118 12.10 8.96 -7.15
N THR A 119 12.88 9.23 -8.21
CA THR A 119 12.34 9.73 -9.47
C THR A 119 12.77 8.88 -10.66
N GLN A 120 13.76 8.00 -10.49
CA GLN A 120 14.31 7.31 -11.66
C GLN A 120 13.58 5.99 -11.93
N SER A 121 13.37 5.68 -13.21
CA SER A 121 12.63 4.48 -13.56
C SER A 121 13.38 3.24 -13.11
N ASP A 122 14.70 3.21 -13.36
CA ASP A 122 15.54 2.06 -13.02
C ASP A 122 15.44 1.74 -11.53
N PHE A 123 15.46 2.77 -10.69
CA PHE A 123 15.46 2.55 -9.26
C PHE A 123 14.16 1.84 -8.85
N PHE A 124 13.06 2.09 -9.59
CA PHE A 124 11.76 1.52 -9.21
C PHE A 124 11.75 0.00 -9.41
N ILE A 125 12.46 -0.52 -10.43
CA ILE A 125 12.51 -1.96 -10.65
C ILE A 125 13.76 -2.60 -10.03
N GLU A 126 14.83 -1.82 -9.80
CA GLU A 126 16.04 -2.40 -9.20
C GLU A 126 15.86 -2.46 -7.68
N ASN A 127 15.20 -1.45 -7.08
CA ASN A 127 15.03 -1.34 -5.65
C ASN A 127 13.57 -1.11 -5.32
N PRO A 128 12.66 -2.03 -5.69
CA PRO A 128 11.22 -1.82 -5.49
C PRO A 128 10.82 -1.73 -4.02
N ILE A 129 11.52 -2.48 -3.16
CA ILE A 129 11.27 -2.51 -1.72
C ILE A 129 11.64 -1.16 -1.11
N ASP A 130 12.82 -0.68 -1.49
CA ASP A 130 13.31 0.60 -1.01
C ASP A 130 12.37 1.69 -1.48
N THR A 131 12.00 1.64 -2.77
CA THR A 131 11.07 2.59 -3.35
C THR A 131 9.83 2.78 -2.49
N VAL A 132 9.26 1.66 -2.05
CA VAL A 132 8.05 1.69 -1.22
C VAL A 132 8.39 2.26 0.15
N ASP A 133 9.50 1.78 0.72
CA ASP A 133 9.82 2.07 2.11
C ASP A 133 10.11 3.56 2.32
N ILE A 134 10.88 4.10 1.37
CA ILE A 134 11.27 5.51 1.39
C ILE A 134 10.03 6.40 1.30
N ILE A 135 9.22 6.14 0.27
CA ILE A 135 8.05 6.96 0.01
C ILE A 135 7.07 6.78 1.17
N TYR A 136 6.84 5.51 1.57
CA TYR A 136 5.86 5.26 2.62
C TYR A 136 6.35 5.92 3.90
N THR A 137 7.64 5.74 4.26
CA THR A 137 8.07 6.20 5.57
C THR A 137 8.08 7.73 5.59
N ASN A 138 8.51 8.35 4.49
CA ASN A 138 8.62 9.79 4.44
C ASN A 138 7.23 10.43 4.49
N THR A 139 6.22 9.79 3.89
CA THR A 139 4.86 10.29 3.96
C THR A 139 4.34 10.20 5.39
N LYS A 140 4.58 9.06 6.02
CA LYS A 140 4.09 8.80 7.38
C LYS A 140 4.70 9.86 8.31
N ASN A 141 6.03 10.00 8.22
CA ASN A 141 6.75 10.91 9.09
C ASN A 141 6.26 12.34 8.87
N ILE A 142 6.11 12.74 7.60
CA ILE A 142 5.75 14.10 7.31
C ILE A 142 4.32 14.39 7.80
N LEU A 143 3.45 13.36 7.83
CA LEU A 143 2.08 13.53 8.28
C LEU A 143 2.03 13.64 9.82
N ASP A 144 2.84 12.83 10.50
CA ASP A 144 3.05 12.92 11.94
C ASP A 144 3.46 14.35 12.28
N PHE A 145 4.54 14.79 11.61
CA PHE A 145 5.11 16.11 11.84
C PHE A 145 4.04 17.18 11.73
N SER A 146 3.30 17.17 10.63
CA SER A 146 2.33 18.20 10.34
C SER A 146 1.26 18.26 11.40
N LYS A 147 0.77 17.09 11.85
CA LYS A 147 -0.36 17.06 12.77
C LYS A 147 0.11 17.48 14.17
N LYS A 148 1.34 17.09 14.53
CA LYS A 148 1.94 17.50 15.78
C LYS A 148 2.33 18.98 15.76
N ASN A 149 2.72 19.54 14.59
CA ASN A 149 3.21 20.92 14.50
C ASN A 149 2.09 21.88 14.13
N ASN A 150 0.87 21.34 14.11
CA ASN A 150 -0.34 22.12 13.89
C ASN A 150 -0.26 22.89 12.58
N VAL A 151 0.14 22.18 11.52
CA VAL A 151 0.30 22.74 10.18
C VAL A 151 -1.09 23.10 9.66
N GLU A 152 -1.17 24.17 8.86
CA GLU A 152 -2.45 24.69 8.41
C GLU A 152 -2.83 23.96 7.11
N LYS A 153 -1.83 23.68 6.25
CA LYS A 153 -2.06 22.92 5.02
C LYS A 153 -0.86 22.07 4.65
N ILE A 154 -1.13 20.85 4.17
CA ILE A 154 -0.08 20.03 3.58
C ILE A 154 -0.44 19.68 2.14
N ILE A 155 0.55 19.80 1.26
CA ILE A 155 0.41 19.49 -0.15
C ILE A 155 1.29 18.29 -0.46
N PHE A 156 0.69 17.26 -1.05
CA PHE A 156 1.39 16.05 -1.41
C PHE A 156 1.52 15.88 -2.93
N LEU A 157 2.76 15.79 -3.44
CA LEU A 157 3.02 15.56 -4.86
C LEU A 157 2.82 14.09 -5.21
N SER A 158 1.93 13.85 -6.15
CA SER A 158 1.68 12.50 -6.56
C SER A 158 1.87 12.45 -8.07
N THR A 159 1.42 11.36 -8.67
CA THR A 159 1.81 11.07 -10.03
C THR A 159 0.61 10.56 -10.82
N MET A 160 0.65 10.89 -12.11
CA MET A 160 -0.19 10.32 -13.14
C MET A 160 -0.11 8.78 -13.11
N GLU A 161 1.01 8.20 -12.69
CA GLU A 161 1.10 6.75 -12.61
C GLU A 161 0.03 6.15 -11.65
N ILE A 162 -0.58 6.95 -10.77
CA ILE A 162 -1.67 6.47 -9.91
C ILE A 162 -2.87 5.98 -10.73
N TYR A 163 -2.98 6.40 -12.01
CA TYR A 163 -4.13 6.01 -12.83
C TYR A 163 -3.97 4.64 -13.45
N GLY A 164 -2.76 4.06 -13.39
CA GLY A 164 -2.59 2.65 -13.69
C GLY A 164 -3.08 2.29 -15.09
N ASP A 165 -4.08 1.40 -15.14
CA ASP A 165 -4.67 0.87 -16.37
C ASP A 165 -5.69 1.85 -16.96
N VAL A 166 -5.93 2.98 -16.31
CA VAL A 166 -6.91 3.89 -16.88
C VAL A 166 -6.24 4.72 -17.97
N ILE A 167 -6.66 4.50 -19.23
CA ILE A 167 -6.06 5.18 -20.36
C ILE A 167 -7.03 6.19 -20.97
N GLY A 168 -6.51 7.00 -21.92
CA GLY A 168 -7.34 7.81 -22.78
C GLY A 168 -7.53 9.22 -22.23
N ASP A 169 -8.50 9.93 -22.81
CA ASP A 169 -8.61 11.37 -22.59
C ASP A 169 -9.54 11.63 -21.42
N ASN A 170 -9.41 12.88 -20.94
CA ASN A 170 -10.25 13.46 -19.92
C ASN A 170 -10.34 12.60 -18.67
N ILE A 171 -9.17 12.17 -18.19
CA ILE A 171 -9.07 11.46 -16.94
C ILE A 171 -9.16 12.42 -15.76
N VAL A 172 -10.10 12.10 -14.85
CA VAL A 172 -10.51 12.96 -13.75
C VAL A 172 -9.95 12.33 -12.47
N GLU A 173 -9.86 13.12 -11.40
CA GLU A 173 -9.12 12.69 -10.20
C GLU A 173 -9.83 11.56 -9.44
N ASP A 174 -11.14 11.31 -9.71
CA ASP A 174 -11.87 10.16 -9.19
C ASP A 174 -11.60 8.83 -9.92
N ASP A 175 -11.02 8.88 -11.13
CA ASP A 175 -10.68 7.65 -11.81
C ASP A 175 -9.65 6.95 -10.96
N ILE A 176 -9.78 5.62 -10.89
CA ILE A 176 -8.97 4.79 -10.01
C ILE A 176 -8.23 3.75 -10.84
N GLY A 177 -6.91 3.67 -10.68
CA GLY A 177 -6.07 2.64 -11.29
C GLY A 177 -6.06 1.30 -10.57
N LYS A 178 -5.81 0.24 -11.34
CA LYS A 178 -5.67 -1.11 -10.84
C LYS A 178 -4.22 -1.58 -11.01
N PHE A 179 -3.69 -2.26 -9.98
CA PHE A 179 -2.27 -2.58 -9.90
C PHE A 179 -2.06 -4.03 -9.50
N SER A 180 -1.25 -4.71 -10.29
CA SER A 180 -0.83 -6.07 -10.01
C SER A 180 0.27 -6.07 -8.96
N VAL A 181 0.17 -7.03 -8.01
CA VAL A 181 1.18 -7.14 -6.97
C VAL A 181 2.38 -7.91 -7.49
N THR A 182 2.35 -8.46 -8.71
CA THR A 182 3.48 -9.24 -9.20
C THR A 182 4.31 -8.47 -10.23
N ASN A 183 3.98 -7.21 -10.48
CA ASN A 183 4.72 -6.36 -11.40
C ASN A 183 5.59 -5.38 -10.62
N ILE A 184 6.89 -5.64 -10.59
CA ILE A 184 7.89 -4.94 -9.80
C ILE A 184 7.82 -3.43 -10.01
N ARG A 185 7.46 -3.04 -11.23
CA ARG A 185 7.54 -1.66 -11.65
C ARG A 185 6.41 -0.86 -10.98
N ASN A 186 5.43 -1.57 -10.40
CA ASN A 186 4.33 -0.95 -9.67
C ASN A 186 4.76 -0.45 -8.27
N SER A 187 6.00 -0.75 -7.89
CA SER A 187 6.57 -0.23 -6.67
C SER A 187 6.18 1.24 -6.49
N TYR A 188 6.44 2.04 -7.54
CA TYR A 188 6.33 3.49 -7.46
C TYR A 188 4.86 3.90 -7.32
N PRO A 189 3.93 3.48 -8.19
CA PRO A 189 2.55 3.93 -8.03
C PRO A 189 1.98 3.39 -6.73
N LEU A 190 2.34 2.15 -6.35
CA LEU A 190 1.69 1.55 -5.20
C LEU A 190 2.06 2.36 -3.97
N ALA A 191 3.33 2.81 -3.94
CA ALA A 191 3.86 3.63 -2.87
C ALA A 191 3.15 4.98 -2.78
N LYS A 192 2.96 5.63 -3.91
CA LYS A 192 2.25 6.91 -3.96
C LYS A 192 0.76 6.73 -3.68
N GLN A 193 0.20 5.54 -3.99
CA GLN A 193 -1.20 5.26 -3.77
C GLN A 193 -1.47 5.22 -2.28
N ILE A 194 -0.61 4.51 -1.54
CA ILE A 194 -0.78 4.32 -0.10
C ILE A 194 -0.52 5.62 0.65
N SER A 195 0.39 6.43 0.08
CA SER A 195 0.73 7.72 0.63
C SER A 195 -0.48 8.67 0.52
N GLU A 196 -1.09 8.70 -0.67
CA GLU A 196 -2.30 9.46 -0.89
C GLU A 196 -3.39 9.07 0.11
N PHE A 197 -3.57 7.76 0.29
CA PHE A 197 -4.59 7.21 1.18
C PHE A 197 -4.36 7.68 2.61
N MET A 198 -3.09 7.68 3.02
CA MET A 198 -2.69 8.22 4.30
C MET A 198 -3.00 9.71 4.35
N VAL A 199 -2.61 10.45 3.30
CA VAL A 199 -2.82 11.89 3.23
C VAL A 199 -4.31 12.20 3.40
N HIS A 200 -5.17 11.51 2.67
CA HIS A 200 -6.61 11.77 2.79
C HIS A 200 -7.13 11.33 4.16
N SER A 201 -6.51 10.31 4.76
CA SER A 201 -6.98 9.76 6.02
C SER A 201 -6.62 10.67 7.20
N TYR A 202 -5.46 11.36 7.12
CA TYR A 202 -5.07 12.34 8.12
C TYR A 202 -5.99 13.54 8.04
N SER A 203 -6.36 13.93 6.83
CA SER A 203 -7.29 15.03 6.66
C SER A 203 -8.64 14.71 7.29
N LYS A 204 -9.17 13.49 7.08
CA LYS A 204 -10.54 13.24 7.49
C LYS A 204 -10.59 12.87 8.97
N LYS A 205 -9.48 12.38 9.52
CA LYS A 205 -9.45 11.98 10.91
C LYS A 205 -9.23 13.21 11.80
N TYR A 206 -8.37 14.16 11.38
CA TYR A 206 -7.82 15.23 12.22
C TYR A 206 -8.09 16.63 11.67
N SER A 207 -9.24 16.80 10.99
CA SER A 207 -9.61 18.01 10.25
C SER A 207 -8.43 18.92 9.92
N LEU A 208 -7.46 18.36 9.19
CA LEU A 208 -6.26 19.03 8.75
C LEU A 208 -6.36 19.16 7.23
N SER A 209 -6.29 20.40 6.72
CA SER A 209 -6.36 20.65 5.29
C SER A 209 -5.21 19.95 4.57
N THR A 210 -5.53 19.15 3.55
CA THR A 210 -4.51 18.53 2.72
C THR A 210 -4.95 18.60 1.25
N ALA A 211 -3.96 18.75 0.38
CA ALA A 211 -4.20 18.63 -1.06
C ALA A 211 -3.25 17.60 -1.63
N ILE A 212 -3.75 16.84 -2.60
CA ILE A 212 -2.90 15.96 -3.38
C ILE A 212 -2.81 16.56 -4.78
N VAL A 213 -1.61 16.69 -5.33
CA VAL A 213 -1.46 17.14 -6.70
C VAL A 213 -0.75 16.04 -7.49
N ARG A 214 -1.34 15.64 -8.62
CA ARG A 214 -0.80 14.59 -9.47
C ARG A 214 -0.22 15.17 -10.76
N LEU A 215 1.10 15.06 -10.90
CA LEU A 215 1.84 15.57 -12.05
C LEU A 215 1.89 14.57 -13.19
N THR A 216 2.04 15.11 -14.39
CA THR A 216 2.46 14.28 -15.50
C THR A 216 3.97 14.06 -15.43
N GLN A 217 4.73 14.90 -16.15
CA GLN A 217 6.18 14.89 -16.13
C GLN A 217 6.61 16.33 -16.41
N ALA A 218 7.45 16.84 -15.51
CA ALA A 218 7.97 18.18 -15.61
C ALA A 218 9.21 18.23 -16.50
N ILE A 219 9.32 19.38 -17.18
CA ILE A 219 10.39 19.69 -18.12
C ILE A 219 10.72 21.16 -17.94
N GLY A 220 11.92 21.55 -18.38
CA GLY A 220 12.28 22.95 -18.38
C GLY A 220 13.65 23.25 -17.77
N PRO A 221 14.02 24.54 -17.70
CA PRO A 221 15.35 24.91 -17.20
C PRO A 221 15.62 24.41 -15.78
N THR A 222 16.85 23.91 -15.58
CA THR A 222 17.47 23.56 -14.32
C THR A 222 17.40 22.05 -14.15
N ALA A 223 16.81 21.38 -15.16
CA ALA A 223 16.89 19.93 -15.23
C ALA A 223 18.37 19.59 -15.39
N GLN A 224 18.81 18.51 -14.73
CA GLN A 224 20.20 18.10 -14.66
C GLN A 224 20.46 16.95 -15.64
N ILE A 225 21.66 16.93 -16.20
CA ILE A 225 22.02 16.06 -17.31
C ILE A 225 22.11 14.60 -16.85
N ASN A 226 22.15 14.38 -15.53
CA ASN A 226 22.26 13.05 -14.96
C ASN A 226 20.90 12.34 -14.82
N ASP A 227 19.80 13.09 -15.00
CA ASP A 227 18.45 12.54 -14.98
C ASP A 227 18.30 11.58 -16.16
N ASN A 228 17.62 10.44 -15.95
CA ASN A 228 17.42 9.48 -17.03
C ASN A 228 15.98 9.41 -17.52
N ARG A 229 15.07 10.21 -16.94
CA ARG A 229 13.74 10.32 -17.53
C ARG A 229 13.89 10.87 -18.96
N VAL A 230 12.92 10.54 -19.79
CA VAL A 230 13.09 10.45 -21.22
C VAL A 230 13.59 11.77 -21.83
N TYR A 231 13.07 12.93 -21.39
CA TYR A 231 13.43 14.23 -21.95
C TYR A 231 14.95 14.42 -21.91
N MET A 232 15.56 14.07 -20.77
CA MET A 232 16.99 14.25 -20.58
C MET A 232 17.83 13.12 -21.18
N ASP A 233 17.28 11.90 -21.30
CA ASP A 233 17.95 10.86 -22.05
C ASP A 233 18.13 11.29 -23.51
N PHE A 234 17.12 11.98 -24.04
CA PHE A 234 17.17 12.51 -25.39
C PHE A 234 18.21 13.64 -25.46
N ILE A 235 18.02 14.72 -24.69
CA ILE A 235 18.93 15.85 -24.75
C ILE A 235 20.36 15.35 -24.61
N ARG A 236 20.61 14.50 -23.61
CA ARG A 236 21.96 14.06 -23.26
C ARG A 236 22.53 13.12 -24.32
N SER A 237 21.69 12.35 -25.02
CA SER A 237 22.19 11.50 -26.08
C SER A 237 22.55 12.35 -27.31
N ALA A 238 21.72 13.36 -27.60
CA ALA A 238 21.98 14.27 -28.72
C ALA A 238 23.32 14.97 -28.50
N ILE A 239 23.56 15.47 -27.28
CA ILE A 239 24.77 16.23 -27.03
C ILE A 239 25.98 15.28 -27.01
N LYS A 240 25.91 14.18 -26.26
CA LYS A 240 27.10 13.38 -25.92
CA LYS A 240 27.10 13.38 -25.92
C LYS A 240 27.35 12.27 -26.93
N LYS A 241 26.37 11.94 -27.78
CA LYS A 241 26.57 10.88 -28.75
C LYS A 241 26.05 11.27 -30.14
N SER A 242 25.83 12.58 -30.37
CA SER A 242 25.33 13.11 -31.63
C SER A 242 24.25 12.20 -32.22
N GLN A 243 23.42 11.62 -31.34
CA GLN A 243 22.42 10.65 -31.74
C GLN A 243 21.39 10.51 -30.61
N ILE A 244 20.14 10.22 -30.98
CA ILE A 244 19.08 9.95 -30.01
C ILE A 244 18.48 8.60 -30.34
N THR A 245 18.49 7.70 -29.36
CA THR A 245 18.01 6.34 -29.56
C THR A 245 16.69 6.10 -28.81
N LEU A 246 15.72 5.52 -29.53
CA LEU A 246 14.44 5.12 -28.98
C LEU A 246 14.42 3.61 -28.77
N PHE A 247 14.17 3.17 -27.53
CA PHE A 247 14.12 1.74 -27.26
C PHE A 247 12.73 1.16 -27.50
N THR A 248 11.76 2.00 -27.90
CA THR A 248 10.41 1.55 -28.27
C THR A 248 10.00 2.20 -29.60
N LYS A 249 8.78 1.92 -30.04
CA LYS A 249 8.24 2.57 -31.23
C LYS A 249 7.89 4.04 -30.94
N GLY A 250 7.79 4.40 -29.65
CA GLY A 250 7.68 5.79 -29.25
C GLY A 250 6.25 6.30 -29.34
N GLU A 251 5.30 5.35 -29.28
CA GLU A 251 3.90 5.69 -29.41
C GLU A 251 3.28 6.16 -28.08
N THR A 252 4.03 6.16 -26.95
CA THR A 252 3.43 6.66 -25.72
C THR A 252 3.12 8.15 -25.85
N LYS A 253 1.87 8.53 -25.52
CA LYS A 253 1.45 9.92 -25.65
C LYS A 253 0.94 10.50 -24.33
N ARG A 254 1.61 11.56 -23.87
CA ARG A 254 1.32 12.18 -22.59
C ARG A 254 1.34 13.71 -22.70
N GLU A 255 0.89 14.37 -21.64
CA GLU A 255 1.08 15.81 -21.50
C GLU A 255 2.29 16.05 -20.64
N TYR A 256 2.98 17.16 -20.93
CA TYR A 256 4.13 17.59 -20.20
C TYR A 256 3.82 18.96 -19.64
N ILE A 257 4.64 19.40 -18.70
CA ILE A 257 4.48 20.73 -18.13
C ILE A 257 5.85 21.24 -17.71
N ASP A 258 6.04 22.53 -17.95
CA ASP A 258 7.20 23.23 -17.44
C ASP A 258 7.21 23.30 -15.91
N VAL A 259 8.38 23.01 -15.34
CA VAL A 259 8.56 22.91 -13.91
C VAL A 259 8.08 24.18 -13.17
N PHE A 260 8.23 25.38 -13.79
CA PHE A 260 7.73 26.61 -13.18
C PHE A 260 6.21 26.66 -13.22
N ASP A 261 5.60 26.04 -14.24
CA ASP A 261 4.16 25.91 -14.30
C ASP A 261 3.64 24.94 -13.25
N VAL A 262 4.47 23.96 -12.85
CA VAL A 262 4.15 23.05 -11.76
C VAL A 262 4.22 23.81 -10.44
N ALA A 263 5.28 24.60 -10.30
CA ALA A 263 5.44 25.44 -9.11
C ALA A 263 4.24 26.36 -8.93
N THR A 264 3.85 27.03 -10.01
CA THR A 264 2.81 28.04 -9.91
C THR A 264 1.50 27.36 -9.57
N ALA A 265 1.27 26.20 -10.19
CA ALA A 265 0.06 25.44 -9.94
C ALA A 265 -0.02 25.09 -8.46
N ILE A 266 1.11 24.66 -7.90
CA ILE A 266 1.15 24.31 -6.48
C ILE A 266 0.84 25.55 -5.63
N ILE A 267 1.36 26.71 -6.04
CA ILE A 267 1.13 27.94 -5.30
C ILE A 267 -0.36 28.23 -5.30
N PHE A 268 -1.05 28.10 -6.44
CA PHE A 268 -2.47 28.38 -6.46
C PHE A 268 -3.19 27.44 -5.49
N VAL A 269 -2.73 26.18 -5.43
CA VAL A 269 -3.30 25.19 -4.56
C VAL A 269 -3.00 25.54 -3.10
N MET A 270 -1.85 26.16 -2.82
CA MET A 270 -1.47 26.56 -1.46
C MET A 270 -2.42 27.63 -0.92
N CYS A 271 -2.94 28.46 -1.82
CA CYS A 271 -3.77 29.60 -1.47
C CYS A 271 -5.24 29.20 -1.29
N GLU A 272 -5.59 27.99 -1.72
CA GLU A 272 -6.98 27.54 -1.66
C GLU A 272 -7.32 27.15 -0.24
N LYS A 273 -8.46 27.65 0.26
CA LYS A 273 -9.02 27.11 1.49
C LYS A 273 -10.02 26.03 1.07
N LYS A 274 -9.75 24.81 1.50
CA LYS A 274 -10.46 23.61 1.07
C LYS A 274 -9.90 22.51 1.95
N MET A 275 -10.74 21.76 2.65
CA MET A 275 -10.24 20.81 3.63
C MET A 275 -9.48 19.69 2.91
N PHE A 276 -9.99 19.24 1.75
CA PHE A 276 -9.32 18.22 0.97
C PHE A 276 -9.74 18.31 -0.49
N GLU A 277 -8.77 18.09 -1.37
CA GLU A 277 -8.98 18.09 -2.80
C GLU A 277 -7.79 17.40 -3.45
N ILE A 278 -8.11 16.76 -4.59
CA ILE A 278 -7.11 16.16 -5.46
C ILE A 278 -7.17 16.95 -6.76
N TYR A 279 -5.99 17.32 -7.25
CA TYR A 279 -5.83 18.13 -8.45
C TYR A 279 -4.83 17.47 -9.39
N ASN A 280 -5.26 17.19 -10.64
CA ASN A 280 -4.33 16.82 -11.69
C ASN A 280 -3.56 18.08 -12.07
N ILE A 281 -2.26 17.93 -12.31
CA ILE A 281 -1.49 19.03 -12.85
C ILE A 281 -0.80 18.64 -14.15
N SER A 282 -1.24 19.33 -15.19
CA SER A 282 -0.76 19.13 -16.54
C SER A 282 -0.96 20.42 -17.32
N ASN A 283 -0.13 20.61 -18.34
CA ASN A 283 -0.36 21.61 -19.36
C ASN A 283 -1.01 20.95 -20.58
N PRO A 284 -2.33 21.10 -20.77
CA PRO A 284 -3.04 20.33 -21.81
C PRO A 284 -2.67 20.76 -23.24
N ASN A 285 -2.10 21.95 -23.40
CA ASN A 285 -1.58 22.37 -24.70
C ASN A 285 -0.34 21.55 -25.09
N ILE A 286 0.35 20.92 -24.12
CA ILE A 286 1.53 20.17 -24.50
C ILE A 286 1.24 18.68 -24.45
N PHE A 287 0.58 18.17 -25.49
CA PHE A 287 0.30 16.75 -25.65
C PHE A 287 1.05 16.21 -26.85
N ILE A 288 1.91 15.22 -26.64
CA ILE A 288 2.76 14.73 -27.72
C ILE A 288 3.32 13.34 -27.41
N SER A 289 3.64 12.60 -28.47
CA SER A 289 4.22 11.27 -28.39
C SER A 289 5.71 11.35 -28.07
N ILE A 290 6.24 10.24 -27.55
CA ILE A 290 7.67 10.07 -27.35
C ILE A 290 8.43 10.29 -28.66
N TYR A 291 7.97 9.70 -29.76
CA TYR A 291 8.65 9.84 -31.04
C TYR A 291 8.68 11.31 -31.46
N ASP A 292 7.50 11.92 -31.45
CA ASP A 292 7.42 13.33 -31.78
C ASP A 292 8.31 14.12 -30.84
N LEU A 293 8.52 13.67 -29.59
CA LEU A 293 9.37 14.43 -28.68
C LEU A 293 10.84 14.28 -29.08
N ALA A 294 11.25 13.06 -29.48
CA ALA A 294 12.61 12.83 -29.96
C ALA A 294 12.91 13.70 -31.18
N LYS A 295 11.94 13.79 -32.10
CA LYS A 295 12.12 14.54 -33.33
C LYS A 295 12.38 16.01 -33.01
N THR A 296 11.50 16.66 -32.22
CA THR A 296 11.70 18.05 -31.84
C THR A 296 13.07 18.28 -31.23
N ILE A 297 13.51 17.35 -30.38
CA ILE A 297 14.75 17.56 -29.67
C ILE A 297 15.91 17.33 -30.63
N SER A 298 15.80 16.36 -31.55
CA SER A 298 16.82 16.13 -32.56
C SER A 298 16.98 17.39 -33.44
N ALA A 299 15.86 17.88 -33.98
CA ALA A 299 15.87 19.12 -34.74
C ALA A 299 16.62 20.21 -33.97
N LYS A 300 16.23 20.47 -32.72
CA LYS A 300 16.81 21.58 -31.98
C LYS A 300 18.31 21.36 -31.71
N LEU A 301 18.78 20.12 -31.81
CA LEU A 301 20.16 19.78 -31.46
C LEU A 301 20.89 19.11 -32.63
N ASN A 302 20.30 19.18 -33.83
CA ASN A 302 20.96 18.83 -35.09
C ASN A 302 21.49 17.41 -35.01
N VAL A 303 20.59 16.46 -34.78
CA VAL A 303 20.98 15.07 -34.62
C VAL A 303 19.89 14.22 -35.25
N GLN A 304 20.15 12.91 -35.43
CA GLN A 304 19.16 12.00 -36.01
C GLN A 304 18.57 11.06 -34.95
N VAL A 305 17.41 10.50 -35.27
CA VAL A 305 16.68 9.63 -34.36
C VAL A 305 16.79 8.18 -34.84
N VAL A 306 17.43 7.32 -34.04
CA VAL A 306 17.57 5.91 -34.37
C VAL A 306 16.72 5.07 -33.40
N PHE A 307 16.15 3.96 -33.90
CA PHE A 307 15.50 2.98 -33.02
C PHE A 307 16.48 1.86 -32.69
N ASP A 308 16.26 1.21 -31.54
CA ASP A 308 16.93 -0.02 -31.14
C ASP A 308 16.01 -0.75 -30.16
N LEU A 309 15.21 -1.69 -30.69
CA LEU A 309 14.08 -2.25 -29.99
C LEU A 309 14.39 -3.63 -29.41
N GLN A 310 15.67 -3.97 -29.26
CA GLN A 310 16.05 -5.27 -28.74
C GLN A 310 16.95 -5.05 -27.54
N ARG A 311 16.63 -4.02 -26.75
CA ARG A 311 17.14 -3.95 -25.40
C ARG A 311 16.03 -4.23 -24.40
N ASP A 312 16.45 -4.52 -23.19
CA ASP A 312 15.56 -4.70 -22.07
C ASP A 312 14.98 -3.33 -21.69
N THR A 313 13.65 -3.30 -21.56
CA THR A 313 12.88 -2.09 -21.31
C THR A 313 11.96 -2.28 -20.12
N SER A 314 12.41 -3.03 -19.10
CA SER A 314 11.51 -3.43 -18.04
C SER A 314 11.32 -2.30 -16.99
N GLN A 315 12.16 -1.25 -17.05
CA GLN A 315 11.99 -0.12 -16.16
C GLN A 315 10.91 0.84 -16.67
N TYR A 316 10.48 0.66 -17.93
CA TYR A 316 9.55 1.54 -18.61
C TYR A 316 8.12 1.02 -18.50
N LEU A 317 7.16 1.93 -18.68
CA LEU A 317 5.75 1.56 -18.73
C LEU A 317 5.41 1.11 -20.14
N PRO A 318 4.43 0.20 -20.29
CA PRO A 318 3.90 -0.14 -21.60
C PRO A 318 3.40 1.10 -22.32
N SER A 319 3.22 0.95 -23.64
CA SER A 319 2.67 2.00 -24.48
CA SER A 319 2.67 1.99 -24.49
C SER A 319 1.31 2.41 -23.98
N PHE A 320 1.08 3.72 -23.89
CA PHE A 320 -0.24 4.20 -23.54
C PHE A 320 -0.38 5.67 -23.94
N SER A 321 -1.64 6.14 -23.88
CA SER A 321 -1.94 7.52 -24.11
C SER A 321 -2.89 8.00 -23.02
N ARG A 322 -2.70 9.22 -22.55
CA ARG A 322 -3.51 9.73 -21.46
C ARG A 322 -3.46 11.26 -21.42
N ARG A 323 -4.64 11.85 -21.26
CA ARG A 323 -4.72 13.27 -20.96
C ARG A 323 -5.43 13.47 -19.64
N LEU A 324 -4.95 14.45 -18.87
CA LEU A 324 -5.53 14.71 -17.56
C LEU A 324 -6.44 15.90 -17.68
N ASN A 325 -7.69 15.70 -17.26
CA ASN A 325 -8.63 16.77 -16.98
C ASN A 325 -7.98 17.67 -15.94
N SER A 326 -7.80 18.95 -16.31
CA SER A 326 -7.10 19.89 -15.44
C SER A 326 -8.02 21.08 -15.07
N LYS A 327 -9.32 20.81 -15.01
CA LYS A 327 -10.35 21.81 -14.82
C LYS A 327 -10.16 22.50 -13.47
N LYS A 328 -9.72 21.76 -12.44
CA LYS A 328 -9.64 22.31 -11.10
C LYS A 328 -8.61 23.44 -10.98
N ILE A 329 -7.37 23.25 -11.44
CA ILE A 329 -6.38 24.32 -11.31
C ILE A 329 -6.73 25.51 -12.20
N TYR A 330 -7.34 25.26 -13.36
CA TYR A 330 -7.78 26.37 -14.20
C TYR A 330 -8.92 27.14 -13.52
N GLN A 331 -9.75 26.49 -12.69
CA GLN A 331 -10.83 27.18 -12.00
C GLN A 331 -10.25 28.13 -10.95
N LEU A 332 -9.07 27.82 -10.40
CA LEU A 332 -8.46 28.67 -9.38
C LEU A 332 -7.89 29.93 -10.01
N GLY A 333 -7.79 29.96 -11.34
CA GLY A 333 -7.22 31.08 -12.07
C GLY A 333 -5.85 30.81 -12.69
N TRP A 334 -5.26 29.62 -12.43
CA TRP A 334 -3.92 29.31 -12.91
C TRP A 334 -3.98 29.08 -14.42
N THR A 335 -2.90 29.47 -15.09
CA THR A 335 -2.64 29.10 -16.47
C THR A 335 -1.15 28.78 -16.63
N PRO A 336 -0.82 27.93 -17.63
CA PRO A 336 0.58 27.60 -17.94
C PRO A 336 1.23 28.66 -18.82
N LEU A 337 2.44 29.13 -18.45
CA LEU A 337 3.09 30.26 -19.10
C LEU A 337 4.08 29.81 -20.18
N PHE A 338 4.47 28.52 -20.19
CA PHE A 338 5.63 28.04 -20.91
C PHE A 338 5.22 26.86 -21.83
N ASP A 339 5.17 27.15 -23.12
CA ASP A 339 4.84 26.15 -24.13
C ASP A 339 6.01 25.19 -24.27
N LEU A 340 5.84 24.18 -25.13
CA LEU A 340 6.83 23.13 -25.27
C LEU A 340 8.16 23.74 -25.75
N ASN A 341 8.07 24.61 -26.76
CA ASN A 341 9.25 25.18 -27.37
C ASN A 341 10.12 25.90 -26.34
N GLN A 342 9.54 26.84 -25.61
CA GLN A 342 10.38 27.64 -24.71
C GLN A 342 10.91 26.74 -23.61
N SER A 343 10.09 25.75 -23.19
CA SER A 343 10.49 24.83 -22.14
C SER A 343 11.71 24.00 -22.57
N LEU A 344 11.66 23.43 -23.80
CA LEU A 344 12.77 22.68 -24.35
C LEU A 344 14.01 23.55 -24.52
N ASP A 345 13.86 24.71 -25.20
CA ASP A 345 14.94 25.63 -25.47
C ASP A 345 15.60 26.09 -24.17
N ASP A 346 14.78 26.56 -23.23
CA ASP A 346 15.26 26.99 -21.92
C ASP A 346 15.91 25.82 -21.18
N MET A 347 15.38 24.61 -21.32
CA MET A 347 16.01 23.45 -20.72
C MET A 347 17.38 23.24 -21.38
N ILE A 348 17.40 23.01 -22.70
CA ILE A 348 18.62 22.71 -23.43
C ILE A 348 19.71 23.75 -23.15
N LYS A 349 19.34 25.04 -23.21
CA LYS A 349 20.29 26.13 -23.04
C LYS A 349 20.99 26.03 -21.69
N TYR A 350 20.20 25.75 -20.63
CA TYR A 350 20.71 25.74 -19.26
C TYR A 350 21.63 24.54 -19.02
N ILE A 351 21.56 23.50 -19.86
CA ILE A 351 22.42 22.33 -19.73
C ILE A 351 23.77 22.61 -20.40
N LYS A 352 23.72 23.30 -21.55
CA LYS A 352 24.92 23.78 -22.24
C LYS A 352 25.70 24.73 -21.32
N GLU A 353 24.99 25.73 -20.79
CA GLU A 353 25.57 26.77 -19.96
C GLU A 353 26.11 26.25 -18.64
N VAL A 354 25.80 25.00 -18.25
CA VAL A 354 26.29 24.47 -16.99
C VAL A 354 27.55 23.63 -17.24
N ASN A 355 27.59 22.86 -18.34
CA ASN A 355 28.76 22.07 -18.70
C ASN A 355 29.45 22.78 -19.86
N GLU B 14 -11.11 -33.37 35.52
CA GLU B 14 -10.11 -34.45 35.80
C GLU B 14 -10.19 -35.48 34.68
N ASN B 15 -9.67 -36.67 34.97
CA ASN B 15 -9.40 -37.67 33.96
C ASN B 15 -9.94 -39.00 34.49
N LEU B 16 -11.26 -39.08 34.64
CA LEU B 16 -11.89 -40.16 35.38
C LEU B 16 -11.95 -41.42 34.52
N TYR B 17 -11.84 -41.25 33.19
CA TYR B 17 -11.98 -42.34 32.24
C TYR B 17 -10.62 -42.71 31.64
N PHE B 18 -9.54 -42.10 32.14
CA PHE B 18 -8.18 -42.38 31.73
C PHE B 18 -8.01 -42.13 30.23
N GLN B 19 -8.27 -40.88 29.82
CA GLN B 19 -8.17 -40.50 28.43
C GLN B 19 -7.49 -39.15 28.22
N GLY B 20 -6.85 -38.61 29.28
CA GLY B 20 -6.31 -37.25 29.29
C GLY B 20 -7.40 -36.19 29.51
N HIS B 21 -6.99 -34.96 29.85
CA HIS B 21 -7.89 -33.80 29.92
C HIS B 21 -7.44 -32.69 28.98
N MET B 22 -7.87 -32.80 27.72
CA MET B 22 -7.85 -31.76 26.68
C MET B 22 -9.30 -31.61 26.20
N ASN B 23 -9.69 -30.45 25.67
CA ASN B 23 -11.09 -30.24 25.34
C ASN B 23 -11.55 -31.27 24.30
N GLU B 24 -12.74 -31.85 24.51
CA GLU B 24 -13.27 -32.93 23.67
C GLU B 24 -13.38 -32.51 22.20
N ILE B 25 -13.81 -31.27 21.93
CA ILE B 25 -14.00 -30.81 20.56
C ILE B 25 -12.62 -30.68 19.91
N LEU B 26 -11.70 -30.05 20.62
CA LEU B 26 -10.34 -29.92 20.15
C LEU B 26 -9.63 -31.27 19.99
N LYS B 27 -9.92 -32.26 20.84
CA LYS B 27 -9.25 -33.57 20.72
C LYS B 27 -9.64 -34.25 19.41
N LYS B 28 -10.94 -34.31 19.16
CA LYS B 28 -11.53 -34.96 18.02
C LYS B 28 -11.01 -34.31 16.73
N ARG B 29 -10.84 -32.98 16.76
CA ARG B 29 -10.49 -32.23 15.56
C ARG B 29 -9.04 -32.52 15.20
N LEU B 30 -8.18 -32.59 16.23
CA LEU B 30 -6.77 -32.88 16.02
C LEU B 30 -6.56 -34.32 15.53
N LYS B 31 -7.49 -35.23 15.85
CA LYS B 31 -7.36 -36.63 15.49
C LYS B 31 -7.83 -36.84 14.05
N LEU B 32 -8.96 -36.26 13.66
CA LEU B 32 -9.33 -36.23 12.25
C LEU B 32 -8.20 -35.60 11.44
N LEU B 33 -7.56 -34.56 11.99
CA LEU B 33 -6.53 -33.86 11.24
C LEU B 33 -5.35 -34.77 11.00
N LYS B 34 -4.94 -35.59 11.98
CA LYS B 34 -3.83 -36.50 11.79
C LYS B 34 -4.24 -37.63 10.85
N ASN B 35 -5.48 -38.11 10.94
CA ASN B 35 -5.86 -39.29 10.18
C ASN B 35 -5.82 -38.90 8.71
N ASN B 36 -6.52 -37.81 8.37
CA ASN B 36 -6.66 -37.37 6.99
C ASN B 36 -5.32 -36.84 6.43
N PHE B 37 -4.53 -36.05 7.19
CA PHE B 37 -3.47 -35.23 6.59
C PHE B 37 -2.13 -35.33 7.31
N GLY B 38 -1.95 -36.35 8.16
CA GLY B 38 -0.75 -36.44 8.98
C GLY B 38 0.55 -36.58 8.18
N THR B 39 0.43 -37.14 6.96
CA THR B 39 1.51 -37.19 5.99
C THR B 39 2.17 -35.81 5.91
N HIS B 40 1.33 -34.77 5.69
CA HIS B 40 1.85 -33.42 5.49
C HIS B 40 2.21 -32.76 6.82
N ILE B 41 1.31 -32.91 7.80
CA ILE B 41 1.56 -32.40 9.13
C ILE B 41 2.93 -32.88 9.60
N ASN B 42 3.23 -34.18 9.36
CA ASN B 42 4.48 -34.78 9.80
C ASN B 42 5.66 -34.26 8.97
N LYS B 43 5.48 -33.88 7.70
CA LYS B 43 6.60 -33.46 6.86
C LYS B 43 7.22 -32.18 7.42
N ILE B 44 6.46 -31.49 8.29
CA ILE B 44 6.87 -30.28 8.97
C ILE B 44 7.48 -30.62 10.35
N ALA B 45 7.60 -31.90 10.71
CA ALA B 45 8.06 -32.28 12.04
C ALA B 45 9.51 -31.84 12.24
N ASN B 46 9.82 -31.44 13.47
CA ASN B 46 11.16 -31.06 13.89
C ASN B 46 11.63 -29.78 13.18
N LYS B 47 10.82 -29.26 12.26
CA LYS B 47 11.24 -28.07 11.53
C LYS B 47 11.04 -26.86 12.44
N LYS B 48 11.94 -25.89 12.34
CA LYS B 48 11.87 -24.67 13.12
C LYS B 48 10.85 -23.75 12.47
N ILE B 49 9.85 -23.31 13.22
CA ILE B 49 8.72 -22.66 12.59
C ILE B 49 8.32 -21.45 13.43
N LEU B 50 8.45 -20.27 12.82
CA LEU B 50 8.03 -19.03 13.47
C LEU B 50 6.64 -18.64 12.97
N ILE B 51 5.73 -18.37 13.89
CA ILE B 51 4.38 -17.95 13.58
C ILE B 51 4.11 -16.60 14.23
N THR B 52 3.90 -15.58 13.40
CA THR B 52 3.64 -14.25 13.91
C THR B 52 2.13 -14.17 14.15
N GLY B 53 1.69 -13.21 14.99
CA GLY B 53 0.27 -13.17 15.37
C GLY B 53 -0.19 -14.52 15.92
N ALA B 54 0.75 -15.27 16.51
CA ALA B 54 0.51 -16.62 17.02
C ALA B 54 -0.55 -16.65 18.14
N ASN B 55 -0.95 -15.48 18.66
CA ASN B 55 -1.99 -15.35 19.68
C ASN B 55 -3.39 -15.28 19.09
N GLY B 56 -3.48 -14.97 17.77
CA GLY B 56 -4.76 -14.78 17.09
C GLY B 56 -5.38 -16.09 16.64
N TYR B 57 -6.62 -15.99 16.20
CA TYR B 57 -7.50 -17.12 15.89
C TYR B 57 -6.79 -18.19 15.08
N ILE B 58 -6.09 -17.78 14.01
CA ILE B 58 -5.56 -18.69 13.01
C ILE B 58 -4.15 -19.13 13.41
N GLY B 59 -3.34 -18.16 13.86
CA GLY B 59 -2.00 -18.46 14.31
C GLY B 59 -2.00 -19.43 15.50
N SER B 60 -3.03 -19.32 16.36
CA SER B 60 -3.02 -20.08 17.60
C SER B 60 -3.39 -21.54 17.29
N ILE B 61 -4.44 -21.75 16.46
CA ILE B 61 -4.79 -23.07 15.94
C ILE B 61 -3.64 -23.72 15.17
N LEU B 62 -2.83 -22.94 14.45
CA LEU B 62 -1.67 -23.46 13.73
C LEU B 62 -0.60 -23.90 14.71
N THR B 63 -0.38 -23.04 15.73
CA THR B 63 0.57 -23.34 16.80
C THR B 63 0.12 -24.61 17.55
N LEU B 64 -1.18 -24.70 17.90
CA LEU B 64 -1.73 -25.86 18.57
C LEU B 64 -1.55 -27.12 17.73
N ILE B 65 -1.60 -26.98 16.38
CA ILE B 65 -1.58 -28.14 15.50
C ILE B 65 -0.17 -28.65 15.36
N LEU B 66 0.82 -27.75 15.45
CA LEU B 66 2.13 -28.09 14.93
C LEU B 66 3.14 -28.28 16.05
N HIS B 67 2.79 -27.88 17.28
CA HIS B 67 3.77 -27.79 18.36
C HIS B 67 3.98 -29.12 19.08
N GLY B 68 3.12 -30.10 18.80
CA GLY B 68 3.46 -31.48 19.05
C GLY B 68 4.83 -31.79 18.44
N ASN B 69 4.82 -32.11 17.15
CA ASN B 69 5.95 -32.76 16.50
C ASN B 69 7.10 -31.77 16.32
N ALA B 70 6.76 -30.49 16.10
CA ALA B 70 7.72 -29.49 15.62
C ALA B 70 8.11 -28.52 16.74
N LYS B 71 9.35 -28.01 16.63
CA LYS B 71 9.81 -26.91 17.46
C LYS B 71 9.23 -25.63 16.90
N LEU B 72 8.70 -24.79 17.80
CA LEU B 72 7.77 -23.78 17.38
C LEU B 72 8.03 -22.47 18.15
N TYR B 73 8.39 -21.43 17.39
CA TYR B 73 8.65 -20.11 17.94
C TYR B 73 7.44 -19.25 17.66
N CYS B 74 6.93 -18.53 18.67
CA CYS B 74 5.79 -17.65 18.48
C CYS B 74 6.19 -16.18 18.62
N LEU B 75 5.61 -15.32 17.78
CA LEU B 75 5.79 -13.89 17.92
C LEU B 75 4.42 -13.26 18.17
N VAL B 76 4.36 -12.40 19.20
CA VAL B 76 3.12 -11.81 19.66
C VAL B 76 3.40 -10.44 20.27
N ARG B 77 2.35 -9.61 20.30
CA ARG B 77 2.36 -8.35 21.03
C ARG B 77 2.58 -8.64 22.52
N ASN B 78 1.65 -9.41 23.11
CA ASN B 78 1.66 -9.62 24.56
C ASN B 78 1.72 -11.11 24.89
N LYS B 79 2.94 -11.58 25.20
CA LYS B 79 3.26 -12.93 25.64
C LYS B 79 2.27 -13.42 26.69
N ASP B 80 1.85 -12.49 27.54
CA ASP B 80 0.83 -12.72 28.54
C ASP B 80 -0.37 -13.41 27.89
N LYS B 81 -1.06 -12.71 27.00
CA LYS B 81 -2.35 -13.20 26.49
C LYS B 81 -2.14 -14.38 25.53
N MET B 82 -0.89 -14.62 25.11
CA MET B 82 -0.53 -15.77 24.29
C MET B 82 -0.50 -17.01 25.18
N ILE B 83 -0.03 -16.83 26.41
CA ILE B 83 0.03 -17.91 27.40
C ILE B 83 -1.39 -18.30 27.79
N ASP B 84 -2.27 -17.30 27.92
CA ASP B 84 -3.67 -17.51 28.32
C ASP B 84 -4.48 -18.11 27.17
N ARG B 85 -4.19 -17.65 25.95
CA ARG B 85 -4.80 -18.22 24.76
C ARG B 85 -4.36 -19.68 24.64
N PHE B 86 -3.06 -19.91 24.77
CA PHE B 86 -2.52 -21.21 24.38
C PHE B 86 -2.94 -22.26 25.40
N GLN B 87 -3.63 -21.86 26.46
CA GLN B 87 -4.06 -22.79 27.49
C GLN B 87 -5.58 -22.82 27.56
N GLU B 88 -6.25 -21.76 27.15
CA GLU B 88 -7.66 -21.89 26.81
C GLU B 88 -7.81 -22.99 25.76
N ILE B 89 -6.92 -23.02 24.74
CA ILE B 89 -7.01 -24.01 23.68
C ILE B 89 -6.21 -25.26 24.04
N CYS B 90 -5.80 -25.38 25.31
CA CYS B 90 -5.23 -26.60 25.86
C CYS B 90 -3.95 -26.98 25.12
N GLY B 91 -3.13 -25.98 24.78
CA GLY B 91 -1.80 -26.24 24.26
C GLY B 91 -0.84 -26.62 25.37
N ASP B 92 0.39 -26.97 24.99
CA ASP B 92 1.42 -27.32 25.95
C ASP B 92 2.51 -26.22 25.89
N ILE B 93 2.40 -25.27 26.84
CA ILE B 93 3.22 -24.08 26.91
C ILE B 93 4.72 -24.40 26.96
N ASP B 94 5.11 -25.59 27.43
CA ASP B 94 6.53 -25.92 27.53
C ASP B 94 7.16 -26.00 26.15
N LYS B 95 6.35 -26.42 25.16
CA LYS B 95 6.86 -26.86 23.88
C LYS B 95 6.82 -25.74 22.83
N ILE B 96 6.43 -24.52 23.23
CA ILE B 96 6.59 -23.34 22.39
C ILE B 96 7.56 -22.36 23.06
N ASP B 97 8.06 -21.41 22.28
CA ASP B 97 9.05 -20.45 22.72
C ASP B 97 8.61 -19.04 22.31
N ILE B 98 7.82 -18.38 23.18
CA ILE B 98 7.14 -17.12 22.89
C ILE B 98 8.15 -15.95 22.86
N TYR B 99 7.89 -14.94 22.02
CA TYR B 99 8.70 -13.73 21.97
C TYR B 99 7.85 -12.51 21.60
N GLU B 100 8.33 -11.34 22.03
CA GLU B 100 7.67 -10.08 21.72
C GLU B 100 8.55 -9.28 20.77
N ASP B 101 9.72 -9.81 20.39
CA ASP B 101 10.69 -9.04 19.62
C ASP B 101 11.53 -9.98 18.77
N LEU B 102 11.53 -9.74 17.45
CA LEU B 102 12.19 -10.58 16.46
C LEU B 102 13.71 -10.65 16.65
N TYR B 103 14.29 -9.58 17.22
CA TYR B 103 15.73 -9.35 17.13
C TYR B 103 16.42 -10.22 18.18
N LYS B 104 15.63 -10.66 19.17
CA LYS B 104 15.98 -11.78 20.03
C LYS B 104 16.24 -13.00 19.16
N ILE B 105 15.14 -13.61 18.66
CA ILE B 105 15.15 -14.93 18.08
C ILE B 105 16.51 -15.18 17.43
N GLN B 106 17.20 -16.19 17.96
CA GLN B 106 18.61 -16.46 17.68
C GLN B 106 18.74 -17.66 16.74
N ASP B 107 17.82 -18.64 16.87
CA ASP B 107 17.94 -19.93 16.22
C ASP B 107 17.56 -19.85 14.76
N LYS B 108 18.01 -20.85 13.98
CA LYS B 108 17.82 -20.86 12.54
C LYS B 108 16.37 -21.19 12.22
N ILE B 109 15.57 -20.20 11.79
CA ILE B 109 14.19 -20.44 11.42
C ILE B 109 14.12 -21.01 10.01
N ASP B 110 13.30 -22.05 9.83
CA ASP B 110 13.17 -22.76 8.56
C ASP B 110 11.94 -22.24 7.81
N ILE B 111 10.80 -22.14 8.51
CA ILE B 111 9.57 -21.69 7.87
C ILE B 111 8.93 -20.62 8.74
N VAL B 112 8.44 -19.57 8.05
CA VAL B 112 7.75 -18.47 8.69
C VAL B 112 6.30 -18.42 8.21
N ILE B 113 5.37 -18.28 9.15
CA ILE B 113 3.98 -18.05 8.79
C ILE B 113 3.57 -16.72 9.40
N HIS B 114 3.46 -15.71 8.55
CA HIS B 114 3.11 -14.36 8.95
C HIS B 114 1.60 -14.23 9.06
N CYS B 115 1.07 -14.26 10.29
CA CYS B 115 -0.38 -14.19 10.51
C CYS B 115 -0.82 -12.88 11.18
N ALA B 116 0.11 -12.11 11.72
CA ALA B 116 -0.24 -10.92 12.48
C ALA B 116 -0.98 -9.94 11.58
N ALA B 117 -2.02 -9.33 12.13
CA ALA B 117 -2.75 -8.24 11.49
C ALA B 117 -3.97 -7.89 12.34
N PRO B 118 -4.30 -6.60 12.42
CA PRO B 118 -5.66 -6.19 12.74
C PRO B 118 -6.70 -7.12 12.11
N THR B 119 -7.89 -7.21 12.73
CA THR B 119 -8.90 -8.13 12.22
C THR B 119 -10.31 -7.52 12.23
N GLN B 120 -10.47 -6.32 12.83
CA GLN B 120 -11.79 -5.84 13.21
C GLN B 120 -12.20 -4.68 12.30
N SER B 121 -13.40 -4.77 11.73
CA SER B 121 -13.88 -3.74 10.83
C SER B 121 -13.79 -2.34 11.47
N ASP B 122 -14.33 -2.18 12.69
CA ASP B 122 -14.34 -0.90 13.40
C ASP B 122 -12.93 -0.30 13.45
N PHE B 123 -11.92 -1.12 13.68
CA PHE B 123 -10.56 -0.61 13.72
C PHE B 123 -10.11 -0.06 12.36
N PHE B 124 -10.61 -0.63 11.25
CA PHE B 124 -10.14 -0.22 9.95
C PHE B 124 -10.59 1.22 9.62
N ILE B 125 -11.84 1.59 9.96
CA ILE B 125 -12.31 2.95 9.72
C ILE B 125 -11.95 3.90 10.86
N GLU B 126 -11.92 3.41 12.11
CA GLU B 126 -11.62 4.26 13.27
C GLU B 126 -10.10 4.45 13.40
N ASN B 127 -9.28 3.52 12.89
CA ASN B 127 -7.84 3.68 12.93
C ASN B 127 -7.24 3.29 11.58
N PRO B 128 -7.56 4.03 10.51
CA PRO B 128 -7.06 3.67 9.19
C PRO B 128 -5.55 3.83 9.05
N ILE B 129 -4.95 4.81 9.73
CA ILE B 129 -3.52 5.05 9.59
C ILE B 129 -2.73 3.96 10.32
N ASP B 130 -3.17 3.61 11.53
CA ASP B 130 -2.51 2.55 12.27
C ASP B 130 -2.76 1.20 11.59
N THR B 131 -3.98 0.98 11.05
CA THR B 131 -4.29 -0.21 10.27
C THR B 131 -3.22 -0.40 9.20
N VAL B 132 -2.98 0.66 8.39
CA VAL B 132 -1.92 0.63 7.38
C VAL B 132 -0.58 0.42 8.05
N ASP B 133 -0.21 1.28 9.00
CA ASP B 133 1.16 1.27 9.52
C ASP B 133 1.52 -0.03 10.25
N ILE B 134 0.56 -0.66 10.94
CA ILE B 134 0.83 -1.90 11.66
C ILE B 134 1.12 -3.01 10.64
N ILE B 135 0.27 -3.11 9.61
CA ILE B 135 0.46 -4.15 8.62
C ILE B 135 1.73 -3.93 7.79
N TYR B 136 2.03 -2.69 7.44
CA TYR B 136 3.17 -2.45 6.57
C TYR B 136 4.45 -2.82 7.32
N THR B 137 4.56 -2.33 8.56
CA THR B 137 5.76 -2.42 9.39
C THR B 137 6.04 -3.88 9.79
N ASN B 138 5.01 -4.54 10.33
CA ASN B 138 5.04 -5.98 10.60
C ASN B 138 5.49 -6.72 9.35
N THR B 139 4.96 -6.36 8.16
CA THR B 139 5.30 -7.14 6.98
C THR B 139 6.79 -6.94 6.67
N LYS B 140 7.19 -5.66 6.58
CA LYS B 140 8.55 -5.29 6.28
C LYS B 140 9.50 -5.97 7.26
N ASN B 141 9.16 -5.93 8.55
CA ASN B 141 10.02 -6.54 9.56
C ASN B 141 10.16 -8.04 9.30
N ILE B 142 9.05 -8.77 9.18
CA ILE B 142 9.12 -10.21 8.98
C ILE B 142 9.86 -10.54 7.69
N LEU B 143 9.85 -9.62 6.72
CA LEU B 143 10.57 -9.89 5.50
C LEU B 143 12.08 -9.68 5.67
N ASP B 144 12.50 -8.62 6.40
CA ASP B 144 13.91 -8.36 6.70
C ASP B 144 14.50 -9.56 7.45
N PHE B 145 13.74 -10.00 8.45
CA PHE B 145 14.09 -11.13 9.31
C PHE B 145 14.22 -12.40 8.47
N SER B 146 13.26 -12.68 7.57
CA SER B 146 13.30 -13.91 6.79
C SER B 146 14.48 -13.96 5.82
N LYS B 147 15.04 -12.78 5.52
CA LYS B 147 16.18 -12.63 4.62
C LYS B 147 17.47 -12.76 5.42
N LYS B 148 17.55 -12.07 6.56
CA LYS B 148 18.66 -12.24 7.50
C LYS B 148 18.84 -13.74 7.83
N ASN B 149 17.80 -14.36 8.40
CA ASN B 149 17.88 -15.72 8.96
C ASN B 149 18.07 -16.79 7.90
N ASN B 150 17.75 -16.49 6.63
CA ASN B 150 17.95 -17.38 5.50
C ASN B 150 16.84 -18.45 5.47
N VAL B 151 15.61 -17.98 5.67
CA VAL B 151 14.44 -18.82 5.77
C VAL B 151 14.23 -19.63 4.47
N GLU B 152 13.71 -20.86 4.60
CA GLU B 152 13.36 -21.74 3.51
C GLU B 152 12.22 -21.14 2.70
N LYS B 153 11.15 -20.77 3.43
CA LYS B 153 9.89 -20.33 2.84
C LYS B 153 9.16 -19.42 3.81
N ILE B 154 8.59 -18.31 3.31
CA ILE B 154 7.63 -17.54 4.08
C ILE B 154 6.26 -17.66 3.45
N ILE B 155 5.24 -17.75 4.31
CA ILE B 155 3.84 -17.72 3.95
C ILE B 155 3.18 -16.47 4.49
N PHE B 156 2.62 -15.64 3.60
CA PHE B 156 1.94 -14.44 4.01
C PHE B 156 0.42 -14.71 3.96
N LEU B 157 -0.26 -14.55 5.09
CA LEU B 157 -1.72 -14.60 5.15
C LEU B 157 -2.31 -13.28 4.68
N SER B 158 -3.27 -13.40 3.75
CA SER B 158 -3.86 -12.28 3.09
C SER B 158 -5.38 -12.47 3.09
N THR B 159 -6.07 -11.56 2.40
CA THR B 159 -7.52 -11.47 2.46
C THR B 159 -8.14 -11.44 1.07
N MET B 160 -9.36 -12.02 0.99
CA MET B 160 -10.28 -11.86 -0.11
C MET B 160 -10.63 -10.37 -0.32
N GLU B 161 -10.42 -9.50 0.66
CA GLU B 161 -10.76 -8.09 0.46
C GLU B 161 -9.82 -7.49 -0.61
N ILE B 162 -8.69 -8.17 -0.90
CA ILE B 162 -7.80 -7.68 -1.93
C ILE B 162 -8.49 -7.72 -3.29
N TYR B 163 -9.52 -8.57 -3.48
CA TYR B 163 -10.26 -8.58 -4.73
C TYR B 163 -11.08 -7.31 -4.94
N GLY B 164 -11.25 -6.52 -3.89
CA GLY B 164 -11.99 -5.27 -3.98
C GLY B 164 -13.29 -5.39 -4.77
N ASP B 165 -13.36 -4.61 -5.86
CA ASP B 165 -14.53 -4.46 -6.72
C ASP B 165 -14.76 -5.72 -7.58
N VAL B 166 -13.76 -6.62 -7.66
CA VAL B 166 -13.91 -7.82 -8.47
C VAL B 166 -14.77 -8.78 -7.68
N ILE B 167 -15.89 -9.15 -8.30
CA ILE B 167 -17.06 -9.71 -7.67
C ILE B 167 -17.49 -10.91 -8.53
N GLY B 168 -18.47 -11.69 -8.08
CA GLY B 168 -19.03 -12.81 -8.84
C GLY B 168 -18.31 -14.12 -8.58
N ASP B 169 -18.57 -15.13 -9.42
CA ASP B 169 -18.07 -16.45 -9.12
C ASP B 169 -16.67 -16.62 -9.67
N ASN B 170 -16.03 -17.68 -9.21
CA ASN B 170 -14.81 -18.11 -9.86
C ASN B 170 -13.77 -16.99 -9.94
N ILE B 171 -13.49 -16.30 -8.84
CA ILE B 171 -12.42 -15.32 -8.91
C ILE B 171 -11.09 -16.02 -8.73
N VAL B 172 -10.17 -15.75 -9.66
CA VAL B 172 -8.84 -16.32 -9.59
C VAL B 172 -7.83 -15.31 -9.02
N GLU B 173 -6.69 -15.89 -8.64
CA GLU B 173 -5.55 -15.25 -8.01
C GLU B 173 -4.91 -14.15 -8.85
N ASP B 174 -5.02 -14.23 -10.18
CA ASP B 174 -4.56 -13.18 -11.08
C ASP B 174 -5.52 -12.01 -11.11
N ASP B 175 -6.78 -12.18 -10.66
CA ASP B 175 -7.65 -11.02 -10.60
C ASP B 175 -7.11 -10.13 -9.49
N ILE B 176 -7.39 -8.83 -9.55
CA ILE B 176 -7.04 -7.95 -8.44
C ILE B 176 -8.03 -6.82 -8.40
N GLY B 177 -8.20 -6.26 -7.20
CA GLY B 177 -9.06 -5.12 -7.02
C GLY B 177 -8.37 -3.78 -7.25
N LYS B 178 -9.22 -2.78 -7.24
CA LYS B 178 -8.92 -1.39 -7.47
C LYS B 178 -9.44 -0.68 -6.22
N PHE B 179 -8.70 0.29 -5.67
CA PHE B 179 -9.11 0.93 -4.43
C PHE B 179 -9.02 2.45 -4.51
N SER B 180 -10.18 3.09 -4.28
CA SER B 180 -10.27 4.53 -3.99
C SER B 180 -9.41 4.95 -2.80
N VAL B 181 -8.62 6.03 -2.96
CA VAL B 181 -7.75 6.50 -1.89
C VAL B 181 -8.53 7.34 -0.89
N THR B 182 -9.78 7.72 -1.23
CA THR B 182 -10.58 8.51 -0.29
C THR B 182 -11.67 7.68 0.43
N ASN B 183 -11.64 6.34 0.31
CA ASN B 183 -12.47 5.48 1.11
C ASN B 183 -11.61 4.87 2.23
N ILE B 184 -11.79 5.46 3.42
CA ILE B 184 -11.09 5.13 4.68
C ILE B 184 -11.07 3.61 4.96
N ARG B 185 -12.18 2.94 4.70
CA ARG B 185 -12.35 1.50 4.91
C ARG B 185 -11.41 0.68 4.03
N ASN B 186 -10.72 1.31 3.07
CA ASN B 186 -9.74 0.61 2.24
C ASN B 186 -8.41 0.50 2.95
N SER B 187 -8.29 1.01 4.18
CA SER B 187 -7.05 0.85 4.93
C SER B 187 -6.55 -0.57 4.85
N TYR B 188 -7.45 -1.52 5.17
CA TYR B 188 -7.08 -2.91 5.31
C TYR B 188 -6.62 -3.50 3.98
N PRO B 189 -7.45 -3.53 2.91
CA PRO B 189 -7.05 -4.13 1.64
C PRO B 189 -5.78 -3.50 1.06
N LEU B 190 -5.60 -2.18 1.23
CA LEU B 190 -4.47 -1.46 0.64
C LEU B 190 -3.19 -1.87 1.35
N ALA B 191 -3.31 -2.01 2.68
CA ALA B 191 -2.21 -2.46 3.50
C ALA B 191 -1.81 -3.87 3.09
N LYS B 192 -2.81 -4.72 2.86
CA LYS B 192 -2.54 -6.07 2.42
C LYS B 192 -1.99 -6.08 1.00
N GLN B 193 -2.49 -5.19 0.13
CA GLN B 193 -1.98 -5.14 -1.23
C GLN B 193 -0.51 -4.75 -1.22
N ILE B 194 -0.15 -3.66 -0.54
CA ILE B 194 1.24 -3.23 -0.53
C ILE B 194 2.13 -4.31 0.07
N SER B 195 1.61 -5.11 1.00
CA SER B 195 2.35 -6.17 1.66
C SER B 195 2.52 -7.35 0.71
N GLU B 196 1.47 -7.70 -0.01
CA GLU B 196 1.57 -8.77 -0.98
C GLU B 196 2.69 -8.42 -1.95
N PHE B 197 2.70 -7.13 -2.33
CA PHE B 197 3.63 -6.67 -3.36
C PHE B 197 5.06 -6.76 -2.84
N MET B 198 5.26 -6.47 -1.56
CA MET B 198 6.57 -6.53 -0.96
C MET B 198 6.99 -7.99 -0.88
N VAL B 199 6.05 -8.86 -0.47
CA VAL B 199 6.30 -10.29 -0.43
C VAL B 199 6.77 -10.83 -1.79
N HIS B 200 6.07 -10.46 -2.88
CA HIS B 200 6.52 -10.87 -4.20
C HIS B 200 7.87 -10.24 -4.56
N SER B 201 8.02 -8.94 -4.29
CA SER B 201 9.24 -8.25 -4.66
C SER B 201 10.44 -8.93 -3.97
N TYR B 202 10.28 -9.34 -2.70
CA TYR B 202 11.33 -10.02 -1.97
C TYR B 202 11.66 -11.36 -2.62
N SER B 203 10.64 -12.08 -3.08
CA SER B 203 10.87 -13.35 -3.74
C SER B 203 11.68 -13.13 -5.02
N LYS B 204 11.20 -12.26 -5.89
CA LYS B 204 11.83 -12.11 -7.18
C LYS B 204 13.26 -11.58 -7.00
N LYS B 205 13.51 -10.72 -6.02
CA LYS B 205 14.78 -10.02 -5.95
C LYS B 205 15.84 -10.83 -5.17
N TYR B 206 15.45 -11.63 -4.17
CA TYR B 206 16.42 -12.34 -3.34
C TYR B 206 16.20 -13.86 -3.33
N SER B 207 15.65 -14.42 -4.42
CA SER B 207 15.19 -15.81 -4.52
C SER B 207 14.73 -16.42 -3.19
N LEU B 208 13.87 -15.68 -2.49
CA LEU B 208 13.30 -16.10 -1.22
C LEU B 208 11.92 -16.72 -1.51
N SER B 209 11.78 -18.04 -1.27
CA SER B 209 10.55 -18.73 -1.58
C SER B 209 9.42 -18.19 -0.71
N THR B 210 8.37 -17.64 -1.35
CA THR B 210 7.26 -17.07 -0.61
C THR B 210 5.95 -17.64 -1.12
N ALA B 211 4.95 -17.74 -0.25
CA ALA B 211 3.60 -18.05 -0.65
C ALA B 211 2.61 -17.06 -0.02
N ILE B 212 1.63 -16.65 -0.81
CA ILE B 212 0.54 -15.80 -0.39
C ILE B 212 -0.74 -16.63 -0.35
N VAL B 213 -1.42 -16.67 0.80
CA VAL B 213 -2.67 -17.39 0.91
C VAL B 213 -3.78 -16.39 1.29
N ARG B 214 -4.76 -16.25 0.41
CA ARG B 214 -5.85 -15.31 0.60
C ARG B 214 -7.06 -16.01 1.21
N LEU B 215 -7.49 -15.57 2.40
CA LEU B 215 -8.53 -16.24 3.18
C LEU B 215 -9.87 -15.56 3.02
N THR B 216 -10.95 -16.35 3.09
CA THR B 216 -12.29 -15.79 3.12
C THR B 216 -12.52 -15.29 4.54
N GLN B 217 -13.25 -16.05 5.37
CA GLN B 217 -13.47 -15.69 6.76
C GLN B 217 -13.53 -16.98 7.58
N ALA B 218 -12.66 -17.06 8.57
CA ALA B 218 -12.55 -18.27 9.36
C ALA B 218 -13.62 -18.28 10.45
N ILE B 219 -14.10 -19.49 10.77
CA ILE B 219 -15.07 -19.74 11.83
C ILE B 219 -14.68 -21.06 12.48
N GLY B 220 -15.49 -21.49 13.45
CA GLY B 220 -15.24 -22.73 14.15
C GLY B 220 -14.81 -22.53 15.60
N PRO B 221 -14.56 -23.63 16.35
CA PRO B 221 -14.23 -23.51 17.77
C PRO B 221 -12.95 -22.74 18.06
N THR B 222 -12.95 -22.08 19.23
CA THR B 222 -11.85 -21.30 19.78
C THR B 222 -11.93 -19.85 19.29
N ALA B 223 -13.03 -19.51 18.60
CA ALA B 223 -13.41 -18.12 18.33
C ALA B 223 -13.76 -17.47 19.67
N GLN B 224 -13.08 -16.36 20.00
CA GLN B 224 -13.27 -15.71 21.28
C GLN B 224 -14.43 -14.75 21.17
N ILE B 225 -15.05 -14.48 22.32
CA ILE B 225 -16.37 -13.87 22.30
C ILE B 225 -16.29 -12.35 22.09
N ASN B 226 -15.10 -11.74 22.29
CA ASN B 226 -14.91 -10.32 22.01
C ASN B 226 -14.79 -9.98 20.52
N ASP B 227 -14.63 -10.98 19.65
CA ASP B 227 -14.44 -10.75 18.23
C ASP B 227 -15.74 -10.23 17.60
N ASN B 228 -15.67 -9.12 16.84
CA ASN B 228 -16.86 -8.46 16.32
C ASN B 228 -17.18 -8.80 14.87
N ARG B 229 -16.46 -9.76 14.28
CA ARG B 229 -16.84 -10.24 12.96
C ARG B 229 -18.18 -10.96 13.06
N VAL B 230 -18.92 -10.94 11.95
CA VAL B 230 -20.36 -11.14 11.99
C VAL B 230 -20.75 -12.51 12.58
N TYR B 231 -19.89 -13.53 12.47
CA TYR B 231 -20.25 -14.86 12.97
C TYR B 231 -20.41 -14.78 14.50
N MET B 232 -19.46 -14.10 15.15
CA MET B 232 -19.46 -13.95 16.60
C MET B 232 -20.37 -12.81 17.01
N ASP B 233 -20.56 -11.82 16.16
CA ASP B 233 -21.59 -10.82 16.37
C ASP B 233 -22.91 -11.58 16.54
N PHE B 234 -23.10 -12.63 15.75
CA PHE B 234 -24.36 -13.35 15.75
C PHE B 234 -24.47 -14.27 16.97
N ILE B 235 -23.34 -14.73 17.47
CA ILE B 235 -23.32 -15.71 18.54
C ILE B 235 -23.35 -14.97 19.89
N ARG B 236 -22.44 -14.02 20.08
CA ARG B 236 -22.43 -13.23 21.28
C ARG B 236 -23.78 -12.51 21.40
N SER B 237 -24.43 -12.19 20.28
CA SER B 237 -25.72 -11.53 20.31
C SER B 237 -26.80 -12.47 20.84
N ALA B 238 -26.94 -13.63 20.18
CA ALA B 238 -27.84 -14.69 20.62
C ALA B 238 -27.79 -14.84 22.15
N ILE B 239 -26.57 -14.88 22.71
CA ILE B 239 -26.33 -15.33 24.09
C ILE B 239 -26.46 -14.18 25.08
N LYS B 240 -25.85 -13.02 24.80
CA LYS B 240 -25.80 -11.91 25.73
CA LYS B 240 -25.80 -11.91 25.73
C LYS B 240 -27.05 -11.04 25.62
N LYS B 241 -27.93 -11.29 24.61
CA LYS B 241 -29.09 -10.43 24.41
C LYS B 241 -30.29 -11.14 23.79
N SER B 242 -30.31 -12.47 23.76
CA SER B 242 -31.48 -13.23 23.34
C SER B 242 -32.04 -12.71 22.01
N GLN B 243 -31.14 -12.30 21.13
CA GLN B 243 -31.56 -11.66 19.89
C GLN B 243 -30.39 -11.62 18.91
N ILE B 244 -30.70 -11.86 17.64
CA ILE B 244 -29.76 -11.63 16.55
C ILE B 244 -30.27 -10.48 15.70
N THR B 245 -29.41 -9.46 15.58
CA THR B 245 -29.72 -8.21 14.90
C THR B 245 -28.91 -8.11 13.61
N LEU B 246 -29.59 -7.99 12.46
CA LEU B 246 -28.94 -7.67 11.20
C LEU B 246 -29.03 -6.17 10.91
N PHE B 247 -27.88 -5.54 10.65
CA PHE B 247 -27.79 -4.11 10.41
C PHE B 247 -27.89 -3.79 8.91
N THR B 248 -27.98 -4.81 8.06
CA THR B 248 -28.24 -4.64 6.64
C THR B 248 -29.31 -5.64 6.25
N LYS B 249 -29.66 -5.75 4.97
CA LYS B 249 -30.61 -6.78 4.55
C LYS B 249 -29.93 -8.15 4.53
N GLY B 250 -28.59 -8.16 4.66
CA GLY B 250 -27.85 -9.38 4.86
C GLY B 250 -27.74 -10.19 3.57
N GLU B 251 -27.73 -9.49 2.43
CA GLU B 251 -27.66 -10.17 1.14
C GLU B 251 -26.22 -10.53 0.77
N THR B 252 -25.21 -9.97 1.46
CA THR B 252 -23.82 -10.32 1.17
C THR B 252 -23.65 -11.83 1.19
N LYS B 253 -22.99 -12.38 0.17
CA LYS B 253 -22.89 -13.83 0.05
C LYS B 253 -21.43 -14.23 -0.17
N ARG B 254 -20.86 -14.96 0.80
CA ARG B 254 -19.47 -15.38 0.72
C ARG B 254 -19.31 -16.85 1.11
N GLU B 255 -18.09 -17.35 0.89
CA GLU B 255 -17.67 -18.63 1.40
C GLU B 255 -16.97 -18.43 2.72
N TYR B 256 -17.12 -19.41 3.60
CA TYR B 256 -16.48 -19.40 4.90
C TYR B 256 -15.70 -20.69 5.02
N ILE B 257 -14.88 -20.78 6.05
CA ILE B 257 -14.09 -21.98 6.22
C ILE B 257 -13.79 -22.13 7.70
N ASP B 258 -13.75 -23.38 8.16
CA ASP B 258 -13.34 -23.70 9.50
C ASP B 258 -11.89 -23.30 9.71
N VAL B 259 -11.60 -22.77 10.90
CA VAL B 259 -10.25 -22.33 11.18
C VAL B 259 -9.29 -23.50 11.11
N PHE B 260 -9.72 -24.74 11.40
CA PHE B 260 -8.83 -25.90 11.35
C PHE B 260 -8.47 -26.22 9.89
N ASP B 261 -9.48 -26.07 9.01
CA ASP B 261 -9.36 -26.25 7.56
C ASP B 261 -8.45 -25.18 6.97
N VAL B 262 -8.46 -23.97 7.54
CA VAL B 262 -7.53 -22.94 7.11
C VAL B 262 -6.12 -23.41 7.43
N ALA B 263 -5.94 -23.95 8.64
CA ALA B 263 -4.62 -24.35 9.07
C ALA B 263 -4.02 -25.47 8.22
N THR B 264 -4.82 -26.50 7.89
CA THR B 264 -4.36 -27.62 7.08
C THR B 264 -3.95 -27.12 5.68
N ALA B 265 -4.83 -26.31 5.08
CA ALA B 265 -4.53 -25.61 3.83
C ALA B 265 -3.15 -24.97 3.88
N ILE B 266 -2.85 -24.28 4.98
CA ILE B 266 -1.59 -23.56 5.10
C ILE B 266 -0.45 -24.57 5.17
N ILE B 267 -0.65 -25.65 5.90
CA ILE B 267 0.39 -26.66 6.05
C ILE B 267 0.70 -27.33 4.69
N PHE B 268 -0.36 -27.60 3.92
CA PHE B 268 -0.19 -28.11 2.56
C PHE B 268 0.66 -27.18 1.70
N VAL B 269 0.43 -25.86 1.77
CA VAL B 269 1.23 -24.90 1.01
C VAL B 269 2.67 -24.88 1.55
N MET B 270 2.84 -25.08 2.85
CA MET B 270 4.19 -25.11 3.41
C MET B 270 4.99 -26.26 2.81
N CYS B 271 4.34 -27.32 2.32
CA CYS B 271 5.07 -28.50 1.88
C CYS B 271 5.42 -28.38 0.41
N GLU B 272 4.87 -27.34 -0.25
CA GLU B 272 5.21 -27.06 -1.63
C GLU B 272 6.60 -26.45 -1.72
N LYS B 273 7.39 -26.89 -2.71
CA LYS B 273 8.65 -26.25 -3.05
C LYS B 273 8.40 -25.50 -4.35
N LYS B 274 8.21 -24.19 -4.22
CA LYS B 274 7.86 -23.34 -5.34
C LYS B 274 8.31 -21.94 -4.92
N MET B 275 8.93 -21.21 -5.85
CA MET B 275 9.59 -19.98 -5.49
C MET B 275 8.52 -18.95 -5.09
N PHE B 276 7.42 -18.89 -5.85
CA PHE B 276 6.35 -17.92 -5.59
C PHE B 276 5.02 -18.45 -6.11
N GLU B 277 3.98 -18.37 -5.27
CA GLU B 277 2.66 -18.80 -5.69
C GLU B 277 1.61 -18.05 -4.86
N ILE B 278 0.43 -17.80 -5.45
CA ILE B 278 -0.69 -17.28 -4.68
C ILE B 278 -1.80 -18.33 -4.61
N TYR B 279 -2.39 -18.57 -3.44
CA TYR B 279 -3.45 -19.55 -3.33
C TYR B 279 -4.68 -18.91 -2.69
N ASN B 280 -5.83 -19.06 -3.32
CA ASN B 280 -7.07 -18.76 -2.62
C ASN B 280 -7.42 -19.93 -1.71
N ILE B 281 -7.74 -19.60 -0.45
CA ILE B 281 -8.13 -20.59 0.54
CA ILE B 281 -8.13 -20.60 0.53
C ILE B 281 -9.59 -20.36 0.91
N SER B 282 -10.42 -21.32 0.57
CA SER B 282 -11.85 -21.24 0.77
C SER B 282 -12.38 -22.66 0.74
N ASN B 283 -13.44 -22.89 1.51
CA ASN B 283 -14.26 -24.06 1.38
C ASN B 283 -15.46 -23.63 0.55
N PRO B 284 -15.53 -24.01 -0.76
CA PRO B 284 -16.72 -23.74 -1.55
C PRO B 284 -18.02 -24.44 -1.17
N ASN B 285 -17.99 -25.39 -0.22
CA ASN B 285 -19.24 -26.04 0.15
C ASN B 285 -20.04 -25.16 1.14
N ILE B 286 -19.37 -24.18 1.76
CA ILE B 286 -20.01 -23.23 2.66
C ILE B 286 -20.20 -21.89 1.96
N PHE B 287 -21.22 -21.80 1.12
CA PHE B 287 -21.55 -20.58 0.42
C PHE B 287 -22.93 -20.10 0.84
N ILE B 288 -22.99 -19.13 1.77
CA ILE B 288 -24.25 -18.73 2.41
C ILE B 288 -24.37 -17.21 2.56
N SER B 289 -25.58 -16.67 2.41
CA SER B 289 -25.86 -15.26 2.65
C SER B 289 -25.74 -14.97 4.14
N ILE B 290 -25.56 -13.69 4.47
CA ILE B 290 -25.47 -13.24 5.85
C ILE B 290 -26.81 -13.55 6.53
N TYR B 291 -27.92 -13.38 5.78
CA TYR B 291 -29.25 -13.58 6.32
C TYR B 291 -29.45 -15.05 6.70
N ASP B 292 -29.12 -15.97 5.79
CA ASP B 292 -29.17 -17.41 6.03
C ASP B 292 -28.20 -17.85 7.11
N LEU B 293 -27.02 -17.19 7.20
CA LEU B 293 -26.12 -17.47 8.32
C LEU B 293 -26.81 -17.08 9.62
N ALA B 294 -27.43 -15.90 9.65
CA ALA B 294 -28.14 -15.43 10.83
C ALA B 294 -29.24 -16.42 11.25
N LYS B 295 -30.03 -16.95 10.29
CA LYS B 295 -31.10 -17.90 10.53
C LYS B 295 -30.59 -19.19 11.17
N THR B 296 -29.63 -19.86 10.52
CA THR B 296 -29.11 -21.11 11.04
C THR B 296 -28.53 -20.92 12.46
N ILE B 297 -27.91 -19.78 12.77
CA ILE B 297 -27.40 -19.57 14.13
C ILE B 297 -28.53 -19.25 15.11
N SER B 298 -29.62 -18.64 14.61
CA SER B 298 -30.79 -18.34 15.43
C SER B 298 -31.49 -19.64 15.80
N ALA B 299 -31.59 -20.58 14.85
CA ALA B 299 -32.17 -21.89 15.09
C ALA B 299 -31.39 -22.66 16.16
N LYS B 300 -30.06 -22.59 16.15
CA LYS B 300 -29.26 -23.37 17.09
C LYS B 300 -29.21 -22.74 18.48
N LEU B 301 -29.74 -21.52 18.66
CA LEU B 301 -29.77 -20.94 19.99
C LEU B 301 -31.17 -20.47 20.35
N ASN B 302 -32.11 -20.72 19.44
CA ASN B 302 -33.54 -20.65 19.73
C ASN B 302 -33.95 -19.19 19.86
N VAL B 303 -33.12 -18.27 19.34
CA VAL B 303 -33.40 -16.84 19.38
C VAL B 303 -33.97 -16.43 18.02
N GLN B 304 -34.48 -15.20 17.96
CA GLN B 304 -35.08 -14.66 16.75
C GLN B 304 -34.11 -13.66 16.10
N VAL B 305 -34.32 -13.41 14.80
CA VAL B 305 -33.50 -12.54 13.98
C VAL B 305 -34.30 -11.26 13.68
N VAL B 306 -33.71 -10.09 13.96
CA VAL B 306 -34.37 -8.82 13.67
C VAL B 306 -33.44 -7.88 12.89
N PHE B 307 -34.10 -7.04 12.07
CA PHE B 307 -33.43 -6.03 11.28
C PHE B 307 -33.37 -4.71 12.04
N ASP B 308 -32.17 -4.14 12.16
CA ASP B 308 -31.98 -2.73 12.48
C ASP B 308 -31.16 -2.05 11.36
N LEU B 309 -31.87 -1.39 10.43
CA LEU B 309 -31.29 -0.74 9.26
C LEU B 309 -30.93 0.73 9.53
N GLN B 310 -30.94 1.16 10.80
CA GLN B 310 -30.87 2.57 11.13
C GLN B 310 -29.50 2.95 11.65
N ARG B 311 -28.58 1.98 11.75
CA ARG B 311 -27.27 2.22 12.35
C ARG B 311 -26.27 2.62 11.27
N ASP B 312 -25.14 3.18 11.71
CA ASP B 312 -24.03 3.46 10.83
C ASP B 312 -23.37 2.13 10.49
N THR B 313 -23.22 1.86 9.19
CA THR B 313 -22.62 0.62 8.73
C THR B 313 -21.32 0.89 7.98
N SER B 314 -20.70 2.04 8.24
CA SER B 314 -19.58 2.53 7.45
C SER B 314 -18.34 1.63 7.58
N GLN B 315 -18.26 0.85 8.67
CA GLN B 315 -17.16 -0.09 8.88
C GLN B 315 -17.35 -1.35 8.05
N TYR B 316 -18.53 -1.50 7.46
CA TYR B 316 -18.88 -2.68 6.69
C TYR B 316 -18.70 -2.44 5.18
N LEU B 317 -18.23 -3.50 4.52
CA LEU B 317 -18.17 -3.53 3.09
C LEU B 317 -19.57 -3.43 2.50
N PRO B 318 -19.68 -2.81 1.31
CA PRO B 318 -20.91 -2.89 0.55
C PRO B 318 -21.28 -4.32 0.22
N SER B 319 -22.59 -4.49 0.01
CA SER B 319 -23.19 -5.77 -0.31
C SER B 319 -22.69 -6.27 -1.67
N PHE B 320 -22.14 -7.48 -1.69
CA PHE B 320 -21.63 -8.13 -2.87
C PHE B 320 -21.87 -9.64 -2.77
N SER B 321 -21.75 -10.37 -3.88
CA SER B 321 -21.64 -11.82 -3.87
C SER B 321 -20.31 -12.24 -4.52
N ARG B 322 -19.63 -13.26 -3.97
CA ARG B 322 -18.29 -13.62 -4.43
C ARG B 322 -17.90 -15.03 -3.97
N ARG B 323 -17.32 -15.79 -4.92
CA ARG B 323 -16.68 -17.06 -4.66
C ARG B 323 -15.24 -16.99 -5.17
N LEU B 324 -14.30 -17.49 -4.35
CA LEU B 324 -12.94 -17.61 -4.82
C LEU B 324 -12.76 -18.97 -5.49
N ASN B 325 -11.99 -18.97 -6.55
CA ASN B 325 -11.57 -20.22 -7.16
C ASN B 325 -10.51 -20.86 -6.27
N SER B 326 -10.79 -22.07 -5.75
CA SER B 326 -9.88 -22.71 -4.79
C SER B 326 -9.25 -23.99 -5.36
N LYS B 327 -9.09 -24.09 -6.70
CA LYS B 327 -8.61 -25.29 -7.36
C LYS B 327 -7.20 -25.66 -6.94
N LYS B 328 -6.31 -24.69 -6.78
CA LYS B 328 -4.91 -25.01 -6.56
C LYS B 328 -4.72 -25.70 -5.21
N ILE B 329 -5.40 -25.20 -4.18
CA ILE B 329 -5.21 -25.81 -2.87
C ILE B 329 -5.72 -27.26 -2.94
N TYR B 330 -6.85 -27.44 -3.62
CA TYR B 330 -7.42 -28.77 -3.79
C TYR B 330 -6.49 -29.69 -4.58
N GLN B 331 -5.86 -29.19 -5.63
CA GLN B 331 -4.98 -30.06 -6.42
C GLN B 331 -3.78 -30.57 -5.62
N LEU B 332 -3.44 -29.93 -4.49
CA LEU B 332 -2.38 -30.44 -3.60
C LEU B 332 -2.84 -31.68 -2.80
N GLY B 333 -4.13 -31.99 -2.74
CA GLY B 333 -4.62 -33.09 -1.92
C GLY B 333 -5.41 -32.68 -0.67
N TRP B 334 -5.50 -31.36 -0.44
CA TRP B 334 -6.21 -30.82 0.69
C TRP B 334 -7.71 -30.93 0.44
N THR B 335 -8.48 -31.21 1.49
CA THR B 335 -9.94 -31.02 1.50
C THR B 335 -10.35 -30.45 2.85
N PRO B 336 -11.46 -29.70 2.90
CA PRO B 336 -12.04 -29.27 4.18
C PRO B 336 -12.75 -30.44 4.83
N LEU B 337 -12.54 -30.60 6.15
CA LEU B 337 -13.15 -31.65 6.96
C LEU B 337 -14.43 -31.23 7.67
N PHE B 338 -14.76 -29.93 7.68
CA PHE B 338 -15.72 -29.41 8.63
C PHE B 338 -16.79 -28.59 7.91
N ASP B 339 -18.00 -29.14 7.82
CA ASP B 339 -19.05 -28.47 7.08
C ASP B 339 -19.56 -27.34 7.97
N LEU B 340 -20.58 -26.61 7.49
CA LEU B 340 -21.01 -25.46 8.23
C LEU B 340 -21.60 -25.88 9.58
N ASN B 341 -22.34 -27.01 9.56
CA ASN B 341 -23.06 -27.46 10.74
C ASN B 341 -22.08 -27.76 11.86
N GLN B 342 -21.03 -28.55 11.56
CA GLN B 342 -20.11 -28.89 12.62
C GLN B 342 -19.36 -27.64 13.07
N SER B 343 -19.02 -26.74 12.15
CA SER B 343 -18.21 -25.59 12.55
C SER B 343 -18.98 -24.68 13.52
N LEU B 344 -20.23 -24.33 13.16
CA LEU B 344 -21.08 -23.52 14.02
C LEU B 344 -21.28 -24.17 15.40
N ASP B 345 -21.69 -25.46 15.42
CA ASP B 345 -22.04 -26.23 16.61
C ASP B 345 -20.86 -26.33 17.56
N ASP B 346 -19.70 -26.70 17.01
CA ASP B 346 -18.49 -26.81 17.79
C ASP B 346 -18.11 -25.43 18.29
N MET B 347 -18.45 -24.38 17.53
CA MET B 347 -18.01 -23.02 17.86
C MET B 347 -18.89 -22.51 19.01
N ILE B 348 -20.17 -22.85 18.97
CA ILE B 348 -21.10 -22.45 20.02
C ILE B 348 -20.79 -23.18 21.32
N LYS B 349 -20.67 -24.51 21.22
CA LYS B 349 -20.34 -25.32 22.37
C LYS B 349 -19.07 -24.82 23.06
N TYR B 350 -18.09 -24.34 22.28
CA TYR B 350 -16.80 -24.02 22.87
C TYR B 350 -16.91 -22.72 23.65
N ILE B 351 -17.74 -21.80 23.15
CA ILE B 351 -17.92 -20.50 23.78
C ILE B 351 -18.65 -20.70 25.11
N LYS B 352 -19.61 -21.64 25.10
CA LYS B 352 -20.39 -21.95 26.29
C LYS B 352 -19.50 -22.54 27.38
N GLU B 353 -18.49 -23.35 27.02
CA GLU B 353 -17.60 -23.93 28.02
C GLU B 353 -16.68 -22.87 28.64
N VAL B 354 -16.41 -21.77 27.93
CA VAL B 354 -15.54 -20.71 28.42
C VAL B 354 -16.23 -19.89 29.51
N ASN B 355 -17.53 -19.55 29.32
CA ASN B 355 -18.29 -18.77 30.30
C ASN B 355 -19.20 -19.70 31.11
N1 YCX C . 11.27 5.70 -24.30
N3 YCX C . 13.20 5.31 -25.60
C4 YCX C . 13.90 5.93 -24.63
C5 YCX C . 13.32 6.40 -23.54
C6 YCX C . 12.05 6.30 -23.37
O2B YCX C . 7.86 4.87 -18.76
PB YCX C . 8.55 5.67 -17.71
O1B YCX C . 9.14 4.80 -16.70
O6G YCX C . 7.57 6.72 -17.03
C6G YCX C . 8.14 7.51 -15.98
C5G YCX C . 7.16 8.62 -15.56
O5G YCX C . 5.82 8.16 -15.22
C4G YCX C . 7.77 9.40 -14.39
O4G YCX C . 9.02 9.88 -14.84
C3G YCX C . 7.01 10.59 -13.97
O3G YCX C . 6.63 11.42 -15.07
C2G YCX C . 7.85 11.45 -13.04
O2G YCX C . 7.00 12.56 -12.71
C1G YCX C . 8.35 10.73 -11.83
O1G YCX C . 9.13 11.60 -10.99
O3B YCX C . 9.89 6.38 -18.29
PA YCX C . 10.02 7.69 -19.19
O1A YCX C . 9.09 8.79 -18.91
O2A YCX C . 11.36 8.25 -18.95
O5' YCX C . 9.82 7.33 -20.71
C5' YCX C . 8.52 7.41 -21.27
C4' YCX C . 8.45 6.37 -22.35
C3' YCX C . 8.96 5.00 -21.98
O3' YCX C . 8.00 4.23 -21.25
C2' YCX C . 9.33 4.42 -23.35
O2' YCX C . 8.17 4.01 -24.01
C1' YCX C . 9.81 5.61 -24.14
O4' YCX C . 9.31 6.75 -23.41
N4 YCX C . 15.23 6.04 -24.81
C2 YCX C . 11.91 5.19 -25.46
O2 YCX C . 11.30 4.64 -26.38
CL CL D . 16.42 16.44 -1.61
N1 YCX E . -23.74 -7.74 8.69
N3 YCX E . -25.36 -7.28 10.32
C4 YCX E . -24.40 -7.56 11.24
C5 YCX E . -23.14 -7.88 10.90
C6 YCX E . -22.81 -7.99 9.65
O2B YCX E . -18.05 -6.32 5.82
PB YCX E . -16.96 -6.66 6.81
O1B YCX E . -16.10 -5.58 7.38
O6G YCX E . -16.01 -7.79 6.25
C6G YCX E . -14.85 -8.11 6.97
C5G YCX E . -14.17 -9.29 6.29
O5G YCX E . -13.84 -8.95 4.90
C4G YCX E . -12.96 -9.65 7.13
O4G YCX E . -13.30 -9.84 8.52
C3G YCX E . -12.22 -10.91 6.69
O3G YCX E . -13.10 -12.00 6.53
C2G YCX E . -11.28 -11.35 7.77
O2G YCX E . -10.54 -12.34 7.12
C1G YCX E . -10.33 -10.26 8.29
O1G YCX E . -9.49 -10.78 9.33
O3B YCX E . -17.80 -7.22 8.10
PA YCX E . -18.23 -8.71 8.48
O1A YCX E . -17.42 -9.86 7.94
O2A YCX E . -17.89 -8.84 9.96
O5' YCX E . -19.78 -8.82 8.20
C5' YCX E . -20.20 -9.27 6.94
C4' YCX E . -21.39 -8.48 6.39
C3' YCX E . -21.37 -6.95 6.63
O3' YCX E . -20.64 -6.18 5.68
C2' YCX E . -22.87 -6.66 6.60
O2' YCX E . -23.49 -6.64 5.31
C1' YCX E . -23.48 -7.89 7.26
O4' YCX E . -22.57 -8.98 7.07
N4 YCX E . -24.81 -7.43 12.54
C2 YCX E . -25.06 -7.36 9.02
O2 YCX E . -25.95 -7.13 8.18
P PO4 F . -7.95 -5.08 16.08
O1 PO4 F . -8.33 -5.25 14.61
O2 PO4 F . -6.51 -4.55 16.16
O3 PO4 F . -8.07 -6.42 16.80
O4 PO4 F . -8.95 -4.07 16.72
CL CL G . -5.11 5.99 12.77
NA NA H . -6.99 -21.58 -6.67
#